data_8ILX
#
_entry.id   8ILX
#
_cell.length_a   134.867
_cell.length_b   104.831
_cell.length_c   68.508
_cell.angle_alpha   90.00
_cell.angle_beta   102.83
_cell.angle_gamma   90.00
#
_symmetry.space_group_name_H-M   'C 1 2 1'
#
loop_
_entity.id
_entity.type
_entity.pdbx_description
1 polymer 'MCherry fluorescent protein'
2 polymer LAM3
#
loop_
_entity_poly.entity_id
_entity_poly.type
_entity_poly.pdbx_seq_one_letter_code
_entity_poly.pdbx_strand_id
1 'polypeptide(L)'
;GMVSKGEEDNMAIIKEFMRFKVHMEGSVNGHEFEIEGEGEGRPYEGTQTAKLKVTKGGPLPFAWDILSPQF(CH6)SKAY
VKHPADIPDYLKLSFPEGFKWERVMNFEDGGVVTVTQDSSLQDGEFIYKVKLRGTNFPSDGPVMQKKTMGWEASSERMYP
EDGALKGEIKQRLKLKDGGHYDAEVKTTYKAKKPVQLPGAYNVNIKLDITSHNEDYTIVEQYERAEGRHSTGGMDELYK
;
A,B
2 'polypeptide(L)'
;GSAQVQLVQSGGGLVQAGGSLRLSCAASGRTFSDIAVGWFRQTPGKEREFVAAISWSGLIINYGDSVEDRFTISRDNAKS
AVYLQMNSLKPEDTAVYYCAARIGMNYYYAREIEYPYWGQGTQVTVSKCY
;
C,D
#
# COMPACT_ATOMS: atom_id res chain seq x y z
N ALA A 12 13.46 -19.95 -19.68
CA ALA A 12 12.85 -18.72 -19.20
C ALA A 12 11.57 -19.01 -18.42
N ILE A 13 10.77 -17.98 -18.19
CA ILE A 13 9.50 -18.14 -17.51
C ILE A 13 8.35 -18.34 -18.50
N ILE A 14 8.36 -17.57 -19.58
CA ILE A 14 7.36 -17.69 -20.63
C ILE A 14 8.06 -18.32 -21.83
N LYS A 15 7.90 -19.63 -21.99
CA LYS A 15 8.50 -20.33 -23.11
C LYS A 15 7.81 -19.93 -24.42
N GLU A 16 8.42 -20.30 -25.54
CA GLU A 16 7.84 -19.98 -26.84
C GLU A 16 6.56 -20.76 -27.10
N PHE A 17 6.33 -21.84 -26.37
CA PHE A 17 5.06 -22.57 -26.41
C PHE A 17 4.58 -22.79 -24.98
N MET A 18 3.45 -22.20 -24.63
CA MET A 18 2.88 -22.30 -23.30
C MET A 18 1.43 -22.73 -23.40
N ARG A 19 1.03 -23.63 -22.50
CA ARG A 19 -0.35 -24.06 -22.38
C ARG A 19 -1.04 -23.28 -21.26
N PHE A 20 -2.36 -23.42 -21.17
CA PHE A 20 -3.10 -22.70 -20.15
C PHE A 20 -4.44 -23.38 -19.92
N LYS A 21 -4.93 -23.28 -18.68
CA LYS A 21 -6.25 -23.76 -18.30
C LYS A 21 -7.07 -22.59 -17.76
N VAL A 22 -8.37 -22.61 -18.01
CA VAL A 22 -9.25 -21.50 -17.69
C VAL A 22 -10.47 -22.03 -16.95
N HIS A 23 -10.92 -21.28 -15.94
CA HIS A 23 -12.09 -21.61 -15.14
C HIS A 23 -12.99 -20.40 -15.10
N MET A 24 -14.29 -20.60 -15.35
CA MET A 24 -15.23 -19.50 -15.45
C MET A 24 -16.50 -19.80 -14.67
N GLU A 25 -16.96 -18.83 -13.90
CA GLU A 25 -18.28 -18.84 -13.28
C GLU A 25 -18.97 -17.53 -13.61
N GLY A 26 -20.16 -17.61 -14.21
CA GLY A 26 -20.82 -16.40 -14.67
C GLY A 26 -22.33 -16.52 -14.66
N SER A 27 -22.98 -15.39 -14.95
CA SER A 27 -24.44 -15.32 -15.02
C SER A 27 -24.82 -14.22 -16.00
N VAL A 28 -25.75 -14.51 -16.89
CA VAL A 28 -26.23 -13.57 -17.89
C VAL A 28 -27.74 -13.53 -17.82
N ASN A 29 -28.30 -12.38 -17.43
CA ASN A 29 -29.74 -12.18 -17.32
C ASN A 29 -30.40 -13.19 -16.39
N GLY A 30 -29.68 -13.59 -15.33
CA GLY A 30 -30.20 -14.50 -14.34
C GLY A 30 -29.74 -15.94 -14.51
N HIS A 31 -29.46 -16.36 -15.73
CA HIS A 31 -29.07 -17.75 -16.00
C HIS A 31 -27.59 -17.92 -15.62
N GLU A 32 -27.34 -18.71 -14.59
CA GLU A 32 -25.98 -18.97 -14.13
C GLU A 32 -25.38 -20.14 -14.90
N PHE A 33 -24.05 -20.18 -14.96
CA PHE A 33 -23.35 -21.21 -15.72
C PHE A 33 -21.90 -21.29 -15.24
N GLU A 34 -21.22 -22.35 -15.69
CA GLU A 34 -19.81 -22.56 -15.42
C GLU A 34 -19.16 -23.17 -16.65
N ILE A 35 -17.93 -22.76 -16.94
CA ILE A 35 -17.23 -23.18 -18.15
C ILE A 35 -15.80 -23.56 -17.79
N GLU A 36 -15.36 -24.73 -18.24
CA GLU A 36 -13.98 -25.16 -18.11
C GLU A 36 -13.37 -25.29 -19.51
N GLY A 37 -12.07 -25.02 -19.60
CA GLY A 37 -11.41 -25.07 -20.88
C GLY A 37 -9.91 -25.21 -20.76
N GLU A 38 -9.31 -25.69 -21.85
CA GLU A 38 -7.86 -25.81 -21.96
C GLU A 38 -7.41 -25.20 -23.29
N GLY A 39 -6.17 -24.74 -23.32
CA GLY A 39 -5.68 -24.08 -24.51
C GLY A 39 -4.17 -24.13 -24.60
N GLU A 40 -3.65 -23.52 -25.67
CA GLU A 40 -2.22 -23.48 -25.94
C GLU A 40 -1.97 -22.39 -26.96
N GLY A 41 -0.70 -22.07 -27.15
CA GLY A 41 -0.33 -21.06 -28.13
C GLY A 41 1.13 -20.69 -28.03
N ARG A 42 1.53 -19.77 -28.90
CA ARG A 42 2.88 -19.23 -28.92
C ARG A 42 2.84 -17.79 -28.41
N PRO A 43 3.28 -17.52 -27.17
CA PRO A 43 3.11 -16.17 -26.62
C PRO A 43 3.83 -15.08 -27.39
N TYR A 44 5.07 -15.33 -27.82
CA TYR A 44 5.84 -14.32 -28.53
C TYR A 44 5.42 -14.19 -29.99
N GLU A 45 4.65 -15.14 -30.52
CA GLU A 45 4.12 -15.02 -31.87
C GLU A 45 2.73 -14.40 -31.91
N GLY A 46 2.01 -14.40 -30.79
CA GLY A 46 0.71 -13.77 -30.72
C GLY A 46 -0.46 -14.63 -31.16
N THR A 47 -0.30 -15.96 -31.16
CA THR A 47 -1.34 -16.88 -31.58
C THR A 47 -1.67 -17.85 -30.46
N GLN A 48 -2.94 -18.25 -30.38
CA GLN A 48 -3.37 -19.19 -29.36
C GLN A 48 -4.72 -19.77 -29.74
N THR A 49 -4.98 -20.98 -29.25
CA THR A 49 -6.26 -21.66 -29.42
C THR A 49 -6.74 -22.15 -28.06
N ALA A 50 -8.01 -22.56 -28.02
CA ALA A 50 -8.60 -23.06 -26.78
C ALA A 50 -9.83 -23.89 -27.11
N LYS A 51 -10.21 -24.75 -26.17
CA LYS A 51 -11.40 -25.59 -26.30
C LYS A 51 -12.20 -25.47 -25.01
N LEU A 52 -13.34 -24.79 -25.09
CA LEU A 52 -14.18 -24.54 -23.93
C LEU A 52 -15.31 -25.57 -23.86
N LYS A 53 -15.77 -25.84 -22.64
CA LYS A 53 -16.84 -26.80 -22.41
C LYS A 53 -17.74 -26.27 -21.30
N VAL A 54 -19.03 -26.16 -21.57
CA VAL A 54 -20.00 -25.71 -20.59
C VAL A 54 -20.28 -26.87 -19.63
N THR A 55 -19.77 -26.76 -18.40
CA THR A 55 -19.91 -27.81 -17.41
C THR A 55 -21.14 -27.67 -16.54
N LYS A 56 -21.72 -26.47 -16.47
CA LYS A 56 -22.90 -26.24 -15.65
C LYS A 56 -23.79 -25.20 -16.32
N GLY A 57 -25.09 -25.44 -16.26
CA GLY A 57 -26.05 -24.51 -16.84
C GLY A 57 -26.20 -24.58 -18.33
N GLY A 58 -25.67 -25.61 -18.98
CA GLY A 58 -25.79 -25.74 -20.41
C GLY A 58 -27.06 -26.45 -20.83
N PRO A 59 -27.58 -26.13 -22.01
CA PRO A 59 -27.08 -25.16 -23.00
C PRO A 59 -27.37 -23.71 -22.59
N LEU A 60 -26.59 -22.77 -23.09
CA LEU A 60 -26.75 -21.37 -22.69
C LEU A 60 -27.85 -20.70 -23.51
N PRO A 61 -28.72 -19.93 -22.87
CA PRO A 61 -29.80 -19.25 -23.60
C PRO A 61 -29.38 -17.96 -24.29
N PHE A 62 -28.09 -17.71 -24.45
CA PHE A 62 -27.60 -16.46 -25.03
C PHE A 62 -26.46 -16.78 -25.99
N ALA A 63 -26.02 -15.74 -26.71
CA ALA A 63 -24.99 -15.92 -27.73
C ALA A 63 -23.63 -16.16 -27.08
N TRP A 64 -22.87 -17.10 -27.65
CA TRP A 64 -21.54 -17.39 -27.17
C TRP A 64 -20.57 -16.24 -27.37
N ASP A 65 -20.87 -15.32 -28.29
CA ASP A 65 -19.91 -14.29 -28.68
C ASP A 65 -19.58 -13.32 -27.56
N ILE A 66 -20.48 -13.17 -26.57
CA ILE A 66 -20.18 -12.27 -25.45
C ILE A 66 -19.21 -12.92 -24.46
N LEU A 67 -19.02 -14.23 -24.53
CA LEU A 67 -18.10 -14.93 -23.63
C LEU A 67 -16.73 -15.17 -24.24
N SER A 68 -16.62 -15.18 -25.56
CA SER A 68 -15.35 -15.54 -26.20
C SER A 68 -14.20 -14.57 -25.90
N PRO A 69 -14.38 -13.25 -25.80
CA PRO A 69 -13.26 -12.38 -25.47
C PRO A 69 -12.78 -12.46 -24.02
N GLN A 70 -13.33 -13.37 -23.22
CA GLN A 70 -12.94 -13.50 -21.82
C GLN A 70 -12.05 -14.70 -21.57
N PHE A 71 -11.79 -15.53 -22.58
CA PHE A 71 -11.00 -16.75 -22.40
C PHE A 71 -9.56 -16.55 -22.81
N1 CH6 A 72 -9.64 -15.22 -23.35
CE CH6 A 72 -8.15 -18.60 -27.01
SD CH6 A 72 -8.97 -17.12 -27.70
CG1 CH6 A 72 -8.42 -15.65 -26.76
CB1 CH6 A 72 -9.53 -15.25 -25.76
CA1 CH6 A 72 -8.91 -14.70 -24.46
C1 CH6 A 72 -9.01 -13.17 -24.48
N2 CH6 A 72 -9.53 -12.56 -25.63
OH CH6 A 72 -12.00 -8.26 -31.13
CD2 CH6 A 72 -10.48 -8.55 -27.77
CE2 CH6 A 72 -10.97 -8.00 -28.94
CZ CH6 A 72 -11.50 -8.82 -29.94
CE1 CH6 A 72 -11.56 -10.20 -29.78
CD1 CH6 A 72 -11.08 -10.78 -28.62
CG2 CH6 A 72 -10.56 -9.93 -27.66
CB2 CH6 A 72 -9.96 -10.24 -26.27
CA2 CH6 A 72 -9.52 -11.14 -25.39
C2 CH6 A 72 -8.94 -10.87 -23.94
O2 CH6 A 72 -8.78 -9.83 -23.39
N3 CH6 A 72 -8.63 -12.25 -23.42
CA3 CH6 A 72 -8.05 -12.45 -22.07
C3 CH6 A 72 -7.57 -13.86 -21.70
O3 CH6 A 72 -7.36 -14.17 -20.49
N SER A 73 -6.48 -13.31 -22.44
CA SER A 73 -5.25 -14.08 -22.44
C SER A 73 -4.16 -13.30 -23.16
N LYS A 74 -3.91 -12.09 -22.69
CA LYS A 74 -3.00 -11.17 -23.38
C LYS A 74 -1.53 -11.46 -23.11
N ALA A 75 -1.22 -12.58 -22.44
CA ALA A 75 0.16 -13.03 -22.42
C ALA A 75 0.60 -13.52 -23.79
N TYR A 76 -0.34 -13.74 -24.70
CA TYR A 76 -0.04 -14.21 -26.06
C TYR A 76 -0.23 -13.07 -27.06
N VAL A 77 0.53 -12.00 -26.86
CA VAL A 77 0.49 -10.83 -27.74
C VAL A 77 1.90 -10.57 -28.25
N LYS A 78 2.04 -10.56 -29.58
CA LYS A 78 3.34 -10.26 -30.19
C LYS A 78 3.65 -8.79 -30.04
N HIS A 79 4.71 -8.47 -29.29
CA HIS A 79 5.08 -7.09 -29.04
C HIS A 79 6.36 -6.74 -29.79
N PRO A 80 6.48 -5.50 -30.26
CA PRO A 80 7.76 -5.03 -30.81
C PRO A 80 8.82 -5.00 -29.71
N ALA A 81 10.08 -5.00 -30.15
CA ALA A 81 11.19 -5.07 -29.19
C ALA A 81 11.27 -3.83 -28.31
N ASP A 82 10.78 -2.69 -28.81
CA ASP A 82 10.87 -1.43 -28.07
C ASP A 82 9.65 -1.14 -27.22
N ILE A 83 8.68 -2.05 -27.16
CA ILE A 83 7.48 -1.88 -26.35
C ILE A 83 7.55 -2.91 -25.22
N PRO A 84 7.65 -2.47 -23.96
CA PRO A 84 7.74 -3.43 -22.85
C PRO A 84 6.49 -4.29 -22.76
N ASP A 85 6.70 -5.60 -22.75
CA ASP A 85 5.59 -6.56 -22.63
C ASP A 85 5.19 -6.62 -21.16
N TYR A 86 4.24 -5.75 -20.79
CA TYR A 86 3.91 -5.56 -19.38
C TYR A 86 3.32 -6.82 -18.76
N LEU A 87 2.47 -7.54 -19.49
CA LEU A 87 1.82 -8.71 -18.94
C LEU A 87 2.70 -9.96 -19.00
N LYS A 88 3.75 -9.97 -19.82
CA LYS A 88 4.70 -11.08 -19.78
C LYS A 88 5.65 -10.95 -18.60
N LEU A 89 6.14 -9.74 -18.34
CA LEU A 89 7.05 -9.52 -17.22
C LEU A 89 6.38 -9.74 -15.87
N SER A 90 5.05 -9.65 -15.82
CA SER A 90 4.32 -9.83 -14.56
C SER A 90 4.46 -11.23 -13.99
N PHE A 91 4.85 -12.20 -14.82
CA PHE A 91 5.03 -13.57 -14.38
C PHE A 91 6.43 -13.76 -13.81
N PRO A 92 6.66 -14.80 -12.99
CA PRO A 92 5.77 -15.93 -12.63
C PRO A 92 4.58 -15.59 -11.74
N GLU A 93 4.48 -14.37 -11.22
CA GLU A 93 3.37 -14.04 -10.32
C GLU A 93 2.05 -13.97 -11.07
N GLY A 94 1.99 -13.16 -12.13
CA GLY A 94 0.80 -13.00 -12.92
C GLY A 94 0.21 -11.61 -12.82
N PHE A 95 -1.06 -11.51 -13.20
CA PHE A 95 -1.75 -10.22 -13.21
C PHE A 95 -3.24 -10.46 -13.09
N LYS A 96 -3.98 -9.36 -12.92
CA LYS A 96 -5.43 -9.37 -12.89
C LYS A 96 -5.95 -8.32 -13.86
N TRP A 97 -7.19 -8.50 -14.32
CA TRP A 97 -7.80 -7.50 -15.16
C TRP A 97 -9.32 -7.51 -14.97
N GLU A 98 -9.92 -6.33 -15.20
CA GLU A 98 -11.35 -6.13 -15.06
C GLU A 98 -11.88 -5.50 -16.34
N ARG A 99 -13.05 -5.96 -16.78
CA ARG A 99 -13.59 -5.52 -18.06
C ARG A 99 -15.07 -5.18 -17.91
N VAL A 100 -15.47 -4.10 -18.58
CA VAL A 100 -16.87 -3.70 -18.66
C VAL A 100 -17.19 -3.41 -20.13
N MET A 101 -18.08 -4.20 -20.71
CA MET A 101 -18.54 -3.99 -22.08
C MET A 101 -19.93 -3.40 -22.05
N ASN A 102 -20.07 -2.18 -22.58
CA ASN A 102 -21.36 -1.50 -22.66
C ASN A 102 -21.87 -1.64 -24.09
N PHE A 103 -22.88 -2.48 -24.28
CA PHE A 103 -23.43 -2.72 -25.60
C PHE A 103 -24.40 -1.61 -26.00
N GLU A 104 -24.63 -1.49 -27.30
CA GLU A 104 -25.40 -0.38 -27.84
C GLU A 104 -26.86 -0.39 -27.40
N ASP A 105 -27.40 -1.55 -27.03
CA ASP A 105 -28.81 -1.67 -26.66
C ASP A 105 -29.02 -1.71 -25.16
N GLY A 106 -28.02 -1.34 -24.36
CA GLY A 106 -28.14 -1.29 -22.93
C GLY A 106 -27.55 -2.47 -22.18
N GLY A 107 -27.20 -3.55 -22.89
CA GLY A 107 -26.61 -4.69 -22.22
C GLY A 107 -25.21 -4.38 -21.71
N VAL A 108 -24.93 -4.86 -20.50
CA VAL A 108 -23.65 -4.62 -19.83
C VAL A 108 -23.07 -5.95 -19.38
N VAL A 109 -21.82 -6.19 -19.73
CA VAL A 109 -21.07 -7.38 -19.32
C VAL A 109 -19.97 -6.94 -18.38
N THR A 110 -19.82 -7.65 -17.26
CA THR A 110 -18.86 -7.31 -16.22
C THR A 110 -17.96 -8.52 -15.95
N VAL A 111 -16.65 -8.32 -16.05
CA VAL A 111 -15.69 -9.41 -15.99
C VAL A 111 -14.56 -9.05 -15.02
N THR A 112 -14.17 -10.03 -14.20
CA THR A 112 -12.93 -9.99 -13.44
C THR A 112 -12.16 -11.28 -13.70
N GLN A 113 -10.84 -11.18 -13.68
CA GLN A 113 -10.01 -12.32 -14.07
C GLN A 113 -8.69 -12.29 -13.31
N ASP A 114 -8.20 -13.47 -12.95
CA ASP A 114 -6.91 -13.65 -12.29
C ASP A 114 -6.05 -14.57 -13.16
N SER A 115 -4.82 -14.15 -13.40
CA SER A 115 -3.87 -14.92 -14.20
C SER A 115 -2.67 -15.26 -13.32
N SER A 116 -2.28 -16.54 -13.32
CA SER A 116 -1.15 -17.02 -12.54
C SER A 116 -0.40 -18.07 -13.35
N LEU A 117 0.72 -18.53 -12.79
CA LEU A 117 1.56 -19.54 -13.43
C LEU A 117 1.81 -20.67 -12.45
N GLN A 118 1.40 -21.88 -12.81
CA GLN A 118 1.55 -23.05 -11.95
C GLN A 118 2.09 -24.20 -12.79
N ASP A 119 3.29 -24.65 -12.47
CA ASP A 119 3.91 -25.82 -13.12
C ASP A 119 4.02 -25.63 -14.63
N GLY A 120 4.46 -24.44 -15.05
CA GLY A 120 4.71 -24.16 -16.44
C GLY A 120 3.50 -23.86 -17.29
N GLU A 121 2.31 -23.78 -16.70
CA GLU A 121 1.09 -23.49 -17.44
C GLU A 121 0.38 -22.30 -16.81
N PHE A 122 -0.20 -21.45 -17.65
CA PHE A 122 -0.99 -20.34 -17.16
C PHE A 122 -2.32 -20.85 -16.60
N ILE A 123 -2.78 -20.22 -15.52
CA ILE A 123 -4.04 -20.57 -14.89
C ILE A 123 -4.93 -19.34 -14.91
N TYR A 124 -6.08 -19.45 -15.57
CA TYR A 124 -7.03 -18.35 -15.68
C TYR A 124 -8.27 -18.67 -14.85
N LYS A 125 -8.74 -17.68 -14.09
CA LYS A 125 -9.97 -17.78 -13.32
C LYS A 125 -10.81 -16.56 -13.63
N VAL A 126 -12.02 -16.77 -14.16
CA VAL A 126 -12.84 -15.68 -14.66
C VAL A 126 -14.18 -15.68 -13.92
N LYS A 127 -14.72 -14.48 -13.71
CA LYS A 127 -16.05 -14.30 -13.13
C LYS A 127 -16.77 -13.23 -13.93
N LEU A 128 -17.96 -13.58 -14.44
CA LEU A 128 -18.67 -12.75 -15.41
C LEU A 128 -20.09 -12.47 -14.93
N ARG A 129 -20.61 -11.30 -15.31
CA ARG A 129 -21.98 -10.91 -15.00
C ARG A 129 -22.53 -10.10 -16.16
N GLY A 130 -23.49 -10.66 -16.88
CA GLY A 130 -24.19 -9.95 -17.95
C GLY A 130 -25.59 -9.57 -17.49
N THR A 131 -26.02 -8.37 -17.87
CA THR A 131 -27.25 -7.82 -17.33
C THR A 131 -27.84 -6.82 -18.33
N ASN A 132 -29.18 -6.78 -18.38
CA ASN A 132 -29.94 -5.78 -19.14
C ASN A 132 -29.81 -5.99 -20.65
N PHE A 133 -29.74 -7.25 -21.07
CA PHE A 133 -29.84 -7.58 -22.48
C PHE A 133 -31.31 -7.72 -22.86
N PRO A 134 -31.82 -6.98 -23.84
CA PRO A 134 -33.24 -7.11 -24.20
C PRO A 134 -33.59 -8.53 -24.60
N SER A 135 -34.80 -8.95 -24.24
CA SER A 135 -35.23 -10.31 -24.50
C SER A 135 -35.27 -10.63 -25.99
N ASP A 136 -35.58 -9.63 -26.82
CA ASP A 136 -35.60 -9.79 -28.27
C ASP A 136 -34.32 -9.26 -28.92
N GLY A 137 -33.26 -9.09 -28.14
CA GLY A 137 -31.99 -8.62 -28.67
C GLY A 137 -31.20 -9.73 -29.30
N PRO A 138 -30.16 -9.34 -30.05
CA PRO A 138 -29.34 -10.35 -30.74
C PRO A 138 -28.58 -11.27 -29.79
N VAL A 139 -28.41 -10.88 -28.53
CA VAL A 139 -27.65 -11.72 -27.60
C VAL A 139 -28.51 -12.85 -27.06
N MET A 140 -29.67 -12.52 -26.50
CA MET A 140 -30.54 -13.54 -25.91
C MET A 140 -31.26 -14.38 -26.95
N GLN A 141 -30.93 -14.18 -28.23
CA GLN A 141 -31.52 -14.95 -29.32
C GLN A 141 -30.46 -15.50 -30.25
N LYS A 142 -29.17 -15.34 -29.91
CA LYS A 142 -28.06 -15.89 -30.68
C LYS A 142 -28.14 -15.54 -32.16
N LYS A 143 -28.41 -14.26 -32.43
CA LYS A 143 -28.42 -13.73 -33.79
C LYS A 143 -27.08 -13.13 -34.19
N THR A 144 -26.01 -13.47 -33.47
CA THR A 144 -24.68 -12.97 -33.74
C THR A 144 -23.84 -14.06 -34.40
N MET A 145 -22.77 -13.64 -35.07
CA MET A 145 -21.91 -14.56 -35.80
C MET A 145 -20.48 -14.04 -35.84
N GLY A 146 -19.87 -13.89 -34.68
CA GLY A 146 -18.45 -13.62 -34.58
C GLY A 146 -18.14 -12.15 -34.47
N TRP A 147 -16.94 -11.86 -33.93
CA TRP A 147 -16.43 -10.51 -33.79
C TRP A 147 -15.61 -10.11 -35.01
N GLU A 148 -15.69 -8.83 -35.34
CA GLU A 148 -14.79 -8.27 -36.35
C GLU A 148 -13.43 -8.00 -35.74
N ALA A 149 -12.45 -7.72 -36.60
CA ALA A 149 -11.11 -7.41 -36.13
C ALA A 149 -11.13 -6.10 -35.35
N SER A 150 -10.54 -6.13 -34.15
CA SER A 150 -10.55 -4.99 -33.25
C SER A 150 -9.17 -4.38 -33.10
N SER A 151 -9.13 -3.13 -32.69
CA SER A 151 -7.90 -2.40 -32.38
C SER A 151 -8.04 -1.81 -30.99
N GLU A 152 -7.28 -2.33 -30.03
CA GLU A 152 -7.36 -1.90 -28.64
C GLU A 152 -6.28 -0.87 -28.37
N ARG A 153 -6.68 0.30 -27.87
CA ARG A 153 -5.75 1.39 -27.59
C ARG A 153 -5.25 1.24 -26.16
N MET A 154 -4.00 0.85 -26.01
CA MET A 154 -3.38 0.69 -24.69
C MET A 154 -2.75 2.00 -24.24
N TYR A 155 -2.84 2.26 -22.93
CA TYR A 155 -2.22 3.45 -22.36
C TYR A 155 -2.06 3.24 -20.86
N PRO A 156 -0.94 3.65 -20.28
CA PRO A 156 -0.77 3.55 -18.82
C PRO A 156 -1.55 4.64 -18.11
N GLU A 157 -2.11 4.27 -16.95
CA GLU A 157 -2.90 5.20 -16.16
C GLU A 157 -3.01 4.68 -14.73
N ASP A 158 -2.73 5.55 -13.77
CA ASP A 158 -2.84 5.23 -12.34
C ASP A 158 -1.98 4.02 -11.98
N GLY A 159 -0.78 3.94 -12.55
CA GLY A 159 0.12 2.84 -12.28
C GLY A 159 -0.32 1.51 -12.83
N ALA A 160 -1.29 1.49 -13.74
CA ALA A 160 -1.78 0.25 -14.35
C ALA A 160 -1.75 0.41 -15.87
N LEU A 161 -2.21 -0.64 -16.56
CA LEU A 161 -2.27 -0.66 -18.02
C LEU A 161 -3.73 -0.79 -18.42
N LYS A 162 -4.23 0.21 -19.15
CA LYS A 162 -5.65 0.27 -19.51
C LYS A 162 -5.81 0.20 -21.02
N GLY A 163 -6.98 -0.26 -21.45
CA GLY A 163 -7.27 -0.38 -22.86
C GLY A 163 -8.72 -0.05 -23.13
N GLU A 164 -8.95 0.54 -24.31
CA GLU A 164 -10.29 0.92 -24.76
C GLU A 164 -10.50 0.38 -26.17
N ILE A 165 -11.61 -0.32 -26.38
CA ILE A 165 -11.92 -0.95 -27.66
C ILE A 165 -13.28 -0.48 -28.13
N LYS A 166 -13.41 -0.30 -29.44
CA LYS A 166 -14.68 -0.05 -30.11
C LYS A 166 -15.05 -1.34 -30.84
N GLN A 167 -15.59 -2.30 -30.10
CA GLN A 167 -15.81 -3.64 -30.62
C GLN A 167 -17.11 -3.71 -31.41
N ARG A 168 -17.13 -4.59 -32.41
CA ARG A 168 -18.27 -4.73 -33.31
C ARG A 168 -18.58 -6.20 -33.52
N LEU A 169 -19.84 -6.57 -33.29
CA LEU A 169 -20.31 -7.93 -33.52
C LEU A 169 -21.06 -8.03 -34.84
N LYS A 170 -20.83 -9.11 -35.57
CA LYS A 170 -21.57 -9.37 -36.80
C LYS A 170 -22.91 -10.02 -36.48
N LEU A 171 -23.92 -9.66 -37.25
CA LEU A 171 -25.26 -10.20 -37.08
C LEU A 171 -25.57 -11.15 -38.23
N LYS A 172 -26.40 -12.16 -37.93
CA LYS A 172 -26.75 -13.16 -38.94
C LYS A 172 -27.55 -12.55 -40.08
N ASP A 173 -28.28 -11.47 -39.82
CA ASP A 173 -29.08 -10.81 -40.85
C ASP A 173 -28.27 -9.85 -41.71
N GLY A 174 -26.97 -9.71 -41.47
CA GLY A 174 -26.11 -8.84 -42.24
C GLY A 174 -25.71 -7.57 -41.53
N GLY A 175 -26.41 -7.20 -40.46
CA GLY A 175 -26.10 -5.99 -39.73
C GLY A 175 -24.92 -6.17 -38.78
N HIS A 176 -24.77 -5.18 -37.91
CA HIS A 176 -23.70 -5.20 -36.91
C HIS A 176 -24.25 -4.72 -35.57
N TYR A 177 -23.50 -4.99 -34.51
CA TYR A 177 -23.95 -4.77 -33.14
C TYR A 177 -22.74 -4.40 -32.30
N ASP A 178 -22.68 -3.14 -31.86
CA ASP A 178 -21.48 -2.57 -31.30
C ASP A 178 -21.47 -2.63 -29.77
N ALA A 179 -20.30 -2.39 -29.20
CA ALA A 179 -20.11 -2.38 -27.75
C ALA A 179 -18.84 -1.60 -27.43
N GLU A 180 -18.90 -0.81 -26.36
CA GLU A 180 -17.76 -0.05 -25.86
C GLU A 180 -17.15 -0.81 -24.70
N VAL A 181 -15.86 -1.16 -24.82
CA VAL A 181 -15.18 -2.01 -23.85
C VAL A 181 -14.01 -1.24 -23.25
N LYS A 182 -13.90 -1.28 -21.93
CA LYS A 182 -12.77 -0.72 -21.20
C LYS A 182 -12.23 -1.76 -20.24
N THR A 183 -10.89 -1.91 -20.22
CA THR A 183 -10.24 -2.93 -19.41
C THR A 183 -9.03 -2.33 -18.72
N THR A 184 -8.81 -2.74 -17.47
CA THR A 184 -7.67 -2.29 -16.68
C THR A 184 -6.83 -3.50 -16.30
N TYR A 185 -5.56 -3.51 -16.74
CA TYR A 185 -4.63 -4.58 -16.45
C TYR A 185 -3.64 -4.11 -15.38
N LYS A 186 -3.50 -4.89 -14.32
CA LYS A 186 -2.60 -4.57 -13.22
C LYS A 186 -1.79 -5.80 -12.87
N ALA A 187 -0.47 -5.67 -12.90
CA ALA A 187 0.41 -6.77 -12.52
C ALA A 187 0.44 -6.92 -11.01
N LYS A 188 0.50 -8.18 -10.55
CA LYS A 188 0.57 -8.44 -9.11
C LYS A 188 1.84 -7.88 -8.50
N LYS A 189 2.92 -7.80 -9.28
CA LYS A 189 4.18 -7.23 -8.86
C LYS A 189 4.53 -6.04 -9.74
N PRO A 190 5.17 -5.01 -9.19
CA PRO A 190 5.48 -3.81 -9.98
C PRO A 190 6.51 -4.13 -11.07
N VAL A 191 6.09 -3.98 -12.32
CA VAL A 191 6.97 -4.16 -13.47
C VAL A 191 6.82 -2.93 -14.37
N GLN A 192 7.67 -2.88 -15.39
CA GLN A 192 7.73 -1.71 -16.25
C GLN A 192 6.45 -1.57 -17.08
N LEU A 193 5.83 -0.40 -17.00
CA LEU A 193 4.65 -0.08 -17.81
C LEU A 193 5.10 0.46 -19.17
N PRO A 194 4.42 0.08 -20.25
CA PRO A 194 4.77 0.57 -21.57
C PRO A 194 4.13 1.92 -21.84
N GLY A 195 4.41 2.45 -23.03
CA GLY A 195 3.78 3.67 -23.50
C GLY A 195 2.43 3.39 -24.16
N ALA A 196 1.90 4.43 -24.78
CA ALA A 196 0.64 4.29 -25.50
C ALA A 196 0.88 3.59 -26.83
N TYR A 197 0.11 2.53 -27.08
CA TYR A 197 0.25 1.75 -28.31
C TYR A 197 -1.05 1.02 -28.58
N ASN A 198 -1.11 0.39 -29.75
CA ASN A 198 -2.30 -0.32 -30.20
C ASN A 198 -2.04 -1.82 -30.24
N VAL A 199 -3.12 -2.58 -30.10
CA VAL A 199 -3.08 -4.04 -30.18
C VAL A 199 -4.17 -4.48 -31.16
N ASN A 200 -3.77 -5.15 -32.23
CA ASN A 200 -4.69 -5.62 -33.26
C ASN A 200 -5.07 -7.07 -32.97
N ILE A 201 -6.35 -7.32 -32.76
CA ILE A 201 -6.84 -8.62 -32.32
C ILE A 201 -7.87 -9.13 -33.30
N LYS A 202 -7.83 -10.43 -33.58
CA LYS A 202 -8.84 -11.11 -34.38
C LYS A 202 -9.17 -12.44 -33.71
N LEU A 203 -10.41 -12.58 -33.25
CA LEU A 203 -10.85 -13.77 -32.53
C LEU A 203 -11.87 -14.52 -33.38
N ASP A 204 -11.59 -15.80 -33.62
CA ASP A 204 -12.41 -16.64 -34.47
C ASP A 204 -12.95 -17.83 -33.68
N ILE A 205 -14.17 -18.25 -34.01
CA ILE A 205 -14.74 -19.49 -33.51
C ILE A 205 -14.52 -20.56 -34.57
N THR A 206 -13.58 -21.47 -34.30
CA THR A 206 -13.18 -22.43 -35.31
C THR A 206 -14.12 -23.62 -35.40
N SER A 207 -14.75 -24.02 -34.30
CA SER A 207 -15.65 -25.16 -34.31
C SER A 207 -16.56 -25.08 -33.09
N HIS A 208 -17.71 -25.73 -33.21
CA HIS A 208 -18.67 -25.82 -32.11
C HIS A 208 -19.66 -26.93 -32.40
N ASN A 209 -20.23 -27.48 -31.33
CA ASN A 209 -21.28 -28.48 -31.48
C ASN A 209 -22.62 -27.74 -31.75
N GLU A 210 -23.73 -28.48 -31.66
CA GLU A 210 -25.01 -27.92 -32.07
C GLU A 210 -25.46 -26.81 -31.13
N ASP A 211 -25.33 -27.01 -29.82
CA ASP A 211 -25.85 -26.06 -28.83
C ASP A 211 -24.75 -25.26 -28.15
N TYR A 212 -23.55 -25.20 -28.75
CA TYR A 212 -22.44 -24.40 -28.25
C TYR A 212 -22.06 -24.77 -26.81
N THR A 213 -22.13 -26.06 -26.49
CA THR A 213 -21.60 -26.57 -25.24
C THR A 213 -20.15 -27.00 -25.34
N ILE A 214 -19.63 -27.16 -26.56
CA ILE A 214 -18.22 -27.43 -26.79
C ILE A 214 -17.79 -26.50 -27.93
N VAL A 215 -16.94 -25.53 -27.62
CA VAL A 215 -16.54 -24.49 -28.57
C VAL A 215 -15.02 -24.40 -28.59
N GLU A 216 -14.46 -24.24 -29.79
CA GLU A 216 -13.04 -23.98 -29.98
C GLU A 216 -12.84 -22.58 -30.56
N GLN A 217 -11.76 -21.94 -30.15
CA GLN A 217 -11.47 -20.57 -30.55
C GLN A 217 -10.04 -20.43 -31.02
N TYR A 218 -9.75 -19.31 -31.68
CA TYR A 218 -8.43 -18.99 -32.17
C TYR A 218 -8.28 -17.48 -32.17
N GLU A 219 -7.14 -16.98 -31.70
CA GLU A 219 -6.92 -15.55 -31.56
C GLU A 219 -5.53 -15.19 -32.05
N ARG A 220 -5.45 -14.10 -32.81
CA ARG A 220 -4.19 -13.55 -33.29
C ARG A 220 -4.08 -12.11 -32.83
N ALA A 221 -3.03 -11.81 -32.06
CA ALA A 221 -2.82 -10.48 -31.52
C ALA A 221 -1.40 -10.01 -31.81
N GLU A 222 -1.26 -8.74 -32.17
CA GLU A 222 0.04 -8.17 -32.47
C GLU A 222 0.03 -6.69 -32.11
N GLY A 223 1.02 -6.27 -31.33
CA GLY A 223 1.14 -4.88 -30.93
C GLY A 223 2.03 -4.08 -31.87
N ARG A 224 1.75 -2.78 -31.96
CA ARG A 224 2.50 -1.90 -32.84
C ARG A 224 2.30 -0.47 -32.39
N HIS A 225 3.25 0.39 -32.76
CA HIS A 225 3.20 1.81 -32.43
C HIS A 225 4.19 2.54 -33.31
N SER A 226 4.00 3.85 -33.42
CA SER A 226 4.89 4.70 -34.21
C SER A 226 6.30 4.71 -33.64
N ALA B 12 -12.81 4.08 28.09
CA ALA B 12 -12.66 3.69 26.69
C ALA B 12 -11.30 3.07 26.44
N ILE B 13 -10.74 3.33 25.27
CA ILE B 13 -9.41 2.81 24.94
C ILE B 13 -8.35 3.48 25.82
N ILE B 14 -8.24 4.81 25.72
CA ILE B 14 -7.32 5.59 26.53
C ILE B 14 -8.11 6.21 27.66
N LYS B 15 -7.92 5.69 28.88
CA LYS B 15 -8.61 6.18 30.05
C LYS B 15 -7.93 7.45 30.55
N GLU B 16 -8.48 8.05 31.60
CA GLU B 16 -7.91 9.26 32.16
C GLU B 16 -6.66 9.00 32.99
N PHE B 17 -6.39 7.75 33.35
CA PHE B 17 -5.15 7.36 34.00
C PHE B 17 -4.62 6.11 33.33
N MET B 18 -3.43 6.19 32.74
CA MET B 18 -2.84 5.09 31.99
C MET B 18 -1.40 4.86 32.43
N ARG B 19 -1.04 3.59 32.58
CA ARG B 19 0.34 3.19 32.84
C ARG B 19 1.01 2.79 31.54
N PHE B 20 2.33 2.66 31.60
CA PHE B 20 3.07 2.23 30.41
C PHE B 20 4.40 1.62 30.83
N LYS B 21 4.85 0.67 30.01
CA LYS B 21 6.15 0.04 30.15
C LYS B 21 6.98 0.35 28.91
N VAL B 22 8.29 0.46 29.09
CA VAL B 22 9.18 0.91 28.03
C VAL B 22 10.47 0.09 28.08
N HIS B 23 10.99 -0.24 26.91
CA HIS B 23 12.29 -0.88 26.76
C HIS B 23 13.08 -0.16 25.66
N MET B 24 14.35 0.08 25.90
CA MET B 24 15.21 0.72 24.91
C MET B 24 16.54 0.01 24.85
N GLU B 25 16.94 -0.35 23.63
CA GLU B 25 18.30 -0.82 23.35
C GLU B 25 18.97 0.20 22.44
N GLY B 26 20.16 0.65 22.84
CA GLY B 26 20.81 1.72 22.11
C GLY B 26 22.32 1.63 22.17
N SER B 27 22.97 2.55 21.46
CA SER B 27 24.42 2.64 21.43
C SER B 27 24.81 4.07 21.13
N VAL B 28 25.64 4.66 22.00
CA VAL B 28 26.11 6.02 21.85
C VAL B 28 27.63 5.97 21.79
N ASN B 29 28.18 6.34 20.63
CA ASN B 29 29.64 6.32 20.40
C ASN B 29 30.22 4.94 20.67
N GLY B 30 29.48 3.90 20.29
CA GLY B 30 29.95 2.53 20.40
C GLY B 30 29.62 1.85 21.70
N HIS B 31 29.15 2.57 22.72
CA HIS B 31 28.85 1.98 24.02
C HIS B 31 27.41 1.45 23.99
N GLU B 32 27.28 0.12 24.02
CA GLU B 32 25.97 -0.50 24.00
C GLU B 32 25.35 -0.53 25.40
N PHE B 33 24.03 -0.43 25.44
CA PHE B 33 23.32 -0.40 26.72
C PHE B 33 21.87 -0.81 26.48
N GLU B 34 21.17 -1.09 27.57
CA GLU B 34 19.75 -1.37 27.57
C GLU B 34 19.11 -0.74 28.80
N ILE B 35 17.89 -0.24 28.64
CA ILE B 35 17.17 0.46 29.69
C ILE B 35 15.76 -0.11 29.79
N GLU B 36 15.33 -0.42 31.01
CA GLU B 36 13.97 -0.86 31.28
C GLU B 36 13.32 0.10 32.26
N GLY B 37 12.03 0.37 32.05
CA GLY B 37 11.35 1.31 32.91
C GLY B 37 9.85 1.14 32.87
N GLU B 38 9.19 1.79 33.83
CA GLU B 38 7.73 1.80 33.91
C GLU B 38 7.28 3.20 34.32
N GLY B 39 6.12 3.61 33.82
CA GLY B 39 5.63 4.94 34.08
C GLY B 39 4.12 4.98 34.22
N GLU B 40 3.60 6.19 34.37
CA GLU B 40 2.17 6.44 34.50
C GLU B 40 1.92 7.90 34.22
N GLY B 41 0.64 8.24 34.08
CA GLY B 41 0.28 9.62 33.84
C GLY B 41 -1.21 9.75 33.56
N ARG B 42 -1.61 10.99 33.29
CA ARG B 42 -2.99 11.33 32.98
C ARG B 42 -3.04 11.85 31.55
N PRO B 43 -3.42 11.02 30.57
CA PRO B 43 -3.22 11.40 29.16
C PRO B 43 -3.94 12.67 28.74
N TYR B 44 -5.20 12.85 29.16
CA TYR B 44 -5.95 14.02 28.75
C TYR B 44 -5.55 15.29 29.51
N GLU B 45 -4.77 15.16 30.59
CA GLU B 45 -4.24 16.31 31.29
C GLU B 45 -2.84 16.70 30.86
N GLY B 46 -2.12 15.79 30.21
CA GLY B 46 -0.80 16.12 29.68
C GLY B 46 0.33 16.00 30.68
N THR B 47 0.19 15.14 31.68
CA THR B 47 1.23 14.94 32.69
C THR B 47 1.54 13.45 32.80
N GLN B 48 2.82 13.14 32.99
CA GLN B 48 3.24 11.75 33.11
C GLN B 48 4.61 11.69 33.77
N THR B 49 4.86 10.58 34.46
CA THR B 49 6.14 10.31 35.10
C THR B 49 6.61 8.91 34.70
N ALA B 50 7.87 8.62 35.01
CA ALA B 50 8.45 7.32 34.70
C ALA B 50 9.71 7.12 35.52
N LYS B 51 10.02 5.86 35.80
CA LYS B 51 11.22 5.47 36.54
C LYS B 51 12.04 4.54 35.65
N LEU B 52 13.22 4.98 35.26
CA LEU B 52 14.07 4.24 34.35
C LEU B 52 15.20 3.55 35.11
N LYS B 53 15.67 2.43 34.56
CA LYS B 53 16.80 1.70 35.10
C LYS B 53 17.70 1.23 33.97
N VAL B 54 19.01 1.40 34.14
CA VAL B 54 19.99 0.88 33.19
C VAL B 54 20.24 -0.58 33.55
N THR B 55 19.75 -1.50 32.71
CA THR B 55 19.88 -2.92 32.98
C THR B 55 21.11 -3.54 32.33
N LYS B 56 21.72 -2.87 31.36
CA LYS B 56 22.92 -3.39 30.71
C LYS B 56 23.78 -2.22 30.27
N GLY B 57 25.09 -2.43 30.32
CA GLY B 57 26.02 -1.39 29.92
C GLY B 57 26.14 -0.22 30.86
N GLY B 58 25.71 -0.39 32.11
CA GLY B 58 25.80 0.67 33.09
C GLY B 58 27.04 0.58 33.95
N PRO B 59 27.53 1.72 34.44
CA PRO B 59 27.00 3.08 34.25
C PRO B 59 27.32 3.66 32.87
N LEU B 60 26.48 4.57 32.38
CA LEU B 60 26.67 5.10 31.03
C LEU B 60 27.78 6.15 31.02
N PRO B 61 28.65 6.15 30.00
CA PRO B 61 29.71 7.15 29.91
C PRO B 61 29.29 8.47 29.29
N PHE B 62 28.00 8.71 29.11
CA PHE B 62 27.50 9.92 28.48
C PHE B 62 26.38 10.52 29.31
N ALA B 63 25.89 11.69 28.89
CA ALA B 63 24.87 12.41 29.63
C ALA B 63 23.51 11.76 29.44
N TRP B 64 22.76 11.65 30.53
CA TRP B 64 21.41 11.09 30.48
C TRP B 64 20.44 11.96 29.71
N ASP B 65 20.77 13.25 29.51
CA ASP B 65 19.81 14.19 28.95
C ASP B 65 19.48 13.86 27.49
N ILE B 66 20.38 13.20 26.77
CA ILE B 66 20.08 12.83 25.40
C ILE B 66 19.10 11.67 25.30
N LEU B 67 18.97 10.88 26.36
CA LEU B 67 18.04 9.75 26.37
C LEU B 67 16.67 10.11 26.92
N SER B 68 16.57 11.18 27.71
CA SER B 68 15.30 11.50 28.37
C SER B 68 14.16 11.81 27.41
N PRO B 69 14.36 12.50 26.27
CA PRO B 69 13.21 12.75 25.38
C PRO B 69 12.72 11.54 24.61
N GLN B 70 13.26 10.35 24.85
CA GLN B 70 12.89 9.16 24.11
C GLN B 70 12.02 8.20 24.93
N PHE B 71 11.72 8.53 26.18
CA PHE B 71 10.94 7.65 27.04
C PHE B 71 9.49 8.11 27.14
N1 CH6 B 72 9.59 9.34 26.43
CE CH6 B 72 7.97 10.23 31.49
SD CH6 B 72 8.86 11.54 30.57
CG1 CH6 B 72 8.23 11.60 28.86
CB1 CH6 B 72 9.38 11.27 27.88
CA1 CH6 B 72 8.80 10.54 26.65
C1 CH6 B 72 8.91 11.46 25.43
N2 CH6 B 72 9.47 12.74 25.63
OH CH6 B 72 12.06 19.67 25.42
CD2 CH6 B 72 10.49 16.82 23.66
CE2 CH6 B 72 11.02 18.08 23.91
CZ CH6 B 72 11.54 18.40 25.17
CE1 CH6 B 72 11.55 17.46 26.20
CD1 CH6 B 72 11.04 16.19 25.98
CG2 CH6 B 72 10.53 15.93 24.72
CB2 CH6 B 72 9.90 14.64 24.14
CA2 CH6 B 72 9.43 13.40 24.35
C2 CH6 B 72 8.82 12.41 23.27
O2 CH6 B 72 8.65 12.61 22.11
N3 CH6 B 72 8.50 11.19 24.07
CA3 CH6 B 72 7.89 9.99 23.44
C3 CH6 B 72 7.49 8.82 24.34
O3 CH6 B 72 7.18 7.70 23.83
N SER B 73 6.47 9.82 24.35
CA SER B 73 5.23 9.35 24.95
C SER B 73 4.15 10.40 24.74
N LYS B 74 3.89 10.72 23.47
CA LYS B 74 2.99 11.79 23.12
C LYS B 74 1.51 11.43 23.23
N ALA B 75 1.20 10.23 23.74
CA ALA B 75 -0.18 9.93 24.09
C ALA B 75 -0.64 10.73 25.30
N TYR B 76 0.30 11.30 26.06
CA TYR B 76 -0.02 12.11 27.23
C TYR B 76 0.16 13.59 26.91
N VAL B 77 -0.56 14.08 25.90
CA VAL B 77 -0.51 15.48 25.51
C VAL B 77 -1.92 16.05 25.59
N LYS B 78 -2.08 17.11 26.39
CA LYS B 78 -3.37 17.78 26.50
C LYS B 78 -3.67 18.53 25.22
N HIS B 79 -4.75 18.14 24.53
CA HIS B 79 -5.12 18.77 23.28
C HIS B 79 -6.40 19.57 23.45
N PRO B 80 -6.53 20.71 22.76
CA PRO B 80 -7.82 21.42 22.73
C PRO B 80 -8.88 20.57 22.05
N ALA B 81 -10.14 20.96 22.27
CA ALA B 81 -11.26 20.17 21.77
C ALA B 81 -11.35 20.17 20.25
N ASP B 82 -10.79 21.17 19.58
CA ASP B 82 -10.90 21.31 18.13
C ASP B 82 -9.63 20.88 17.40
N ILE B 83 -8.67 20.26 18.09
CA ILE B 83 -7.47 19.73 17.46
C ILE B 83 -7.53 18.20 17.59
N PRO B 84 -7.65 17.47 16.48
CA PRO B 84 -7.73 16.01 16.56
C PRO B 84 -6.47 15.41 17.20
N ASP B 85 -6.68 14.64 18.26
CA ASP B 85 -5.59 13.96 18.94
C ASP B 85 -5.19 12.75 18.11
N TYR B 86 -4.30 12.99 17.14
CA TYR B 86 -3.96 11.97 16.16
C TYR B 86 -3.34 10.74 16.80
N LEU B 87 -2.52 10.93 17.83
CA LEU B 87 -1.85 9.79 18.46
C LEU B 87 -2.72 9.10 19.50
N LYS B 88 -3.78 9.74 19.98
CA LYS B 88 -4.73 9.04 20.83
C LYS B 88 -5.69 8.18 20.01
N LEU B 89 -6.14 8.68 18.86
CA LEU B 89 -7.05 7.92 18.01
C LEU B 89 -6.38 6.70 17.41
N SER B 90 -5.05 6.65 17.38
CA SER B 90 -4.34 5.53 16.77
C SER B 90 -4.53 4.23 17.54
N PHE B 91 -4.88 4.30 18.81
CA PHE B 91 -5.05 3.12 19.64
C PHE B 91 -6.44 2.52 19.42
N PRO B 92 -6.66 1.24 19.81
CA PRO B 92 -5.82 0.32 20.61
C PRO B 92 -4.60 -0.28 19.89
N GLU B 93 -4.32 0.10 18.65
CA GLU B 93 -3.21 -0.50 17.90
C GLU B 93 -1.91 0.29 17.97
N GLY B 94 -1.98 1.60 18.12
CA GLY B 94 -0.80 2.40 18.37
C GLY B 94 -0.23 3.06 17.14
N PHE B 95 1.05 3.41 17.24
CA PHE B 95 1.74 4.16 16.21
C PHE B 95 3.24 3.89 16.33
N LYS B 96 4.00 4.47 15.41
CA LYS B 96 5.46 4.42 15.43
C LYS B 96 6.00 5.79 15.06
N TRP B 97 7.19 6.11 15.57
CA TRP B 97 7.78 7.40 15.30
C TRP B 97 9.30 7.28 15.20
N GLU B 98 9.88 8.15 14.38
CA GLU B 98 11.31 8.21 14.12
C GLU B 98 11.82 9.60 14.43
N ARG B 99 12.99 9.69 15.04
CA ARG B 99 13.52 10.98 15.49
C ARG B 99 15.00 11.08 15.17
N VAL B 100 15.41 12.24 14.67
CA VAL B 100 16.81 12.56 14.42
C VAL B 100 17.11 13.90 15.07
N MET B 101 18.04 13.91 16.01
CA MET B 101 18.48 15.12 16.70
C MET B 101 19.88 15.46 16.23
N ASN B 102 20.02 16.60 15.57
CA ASN B 102 21.31 17.06 15.05
C ASN B 102 21.84 18.13 16.00
N PHE B 103 22.79 17.75 16.85
CA PHE B 103 23.34 18.66 17.83
C PHE B 103 24.30 19.65 17.18
N GLU B 104 24.61 20.72 17.92
CA GLU B 104 25.36 21.83 17.35
C GLU B 104 26.80 21.47 17.05
N ASP B 105 27.36 20.50 17.76
CA ASP B 105 28.76 20.12 17.59
C ASP B 105 28.95 18.87 16.76
N GLY B 106 27.96 18.50 15.95
CA GLY B 106 28.06 17.37 15.05
C GLY B 106 27.46 16.08 15.57
N GLY B 107 27.10 16.02 16.85
CA GLY B 107 26.51 14.81 17.39
C GLY B 107 25.15 14.53 16.77
N VAL B 108 24.89 13.26 16.48
CA VAL B 108 23.65 12.83 15.85
C VAL B 108 23.04 11.69 16.67
N VAL B 109 21.77 11.83 17.03
CA VAL B 109 21.02 10.81 17.73
C VAL B 109 19.90 10.34 16.83
N THR B 110 19.75 9.02 16.68
CA THR B 110 18.76 8.42 15.81
C THR B 110 17.90 7.46 16.60
N VAL B 111 16.58 7.65 16.56
CA VAL B 111 15.63 6.90 17.37
C VAL B 111 14.53 6.33 16.50
N THR B 112 14.18 5.07 16.75
CA THR B 112 12.97 4.46 16.22
C THR B 112 12.19 3.86 17.38
N GLN B 113 10.86 3.90 17.26
CA GLN B 113 10.03 3.52 18.39
C GLN B 113 8.71 2.93 17.90
N ASP B 114 8.18 2.00 18.68
CA ASP B 114 6.88 1.38 18.43
C ASP B 114 6.04 1.49 19.70
N SER B 115 4.80 1.95 19.55
CA SER B 115 3.87 2.08 20.65
C SER B 115 2.67 1.19 20.39
N SER B 116 2.27 0.41 21.40
CA SER B 116 1.14 -0.48 21.30
C SER B 116 0.38 -0.47 22.63
N LEU B 117 -0.75 -1.18 22.66
CA LEU B 117 -1.59 -1.27 23.85
C LEU B 117 -1.84 -2.73 24.17
N GLN B 118 -1.47 -3.15 25.37
CA GLN B 118 -1.64 -4.54 25.80
C GLN B 118 -2.18 -4.55 27.22
N ASP B 119 -3.38 -5.11 27.40
CA ASP B 119 -3.99 -5.30 28.71
C ASP B 119 -4.15 -3.98 29.46
N GLY B 120 -4.54 -2.93 28.73
CA GLY B 120 -4.81 -1.64 29.33
C GLY B 120 -3.60 -0.84 29.71
N GLU B 121 -2.45 -1.09 29.08
CA GLU B 121 -1.24 -0.35 29.37
C GLU B 121 -0.44 -0.17 28.07
N PHE B 122 0.13 1.02 27.92
CA PHE B 122 0.94 1.30 26.73
C PHE B 122 2.27 0.54 26.81
N ILE B 123 2.73 0.07 25.66
CA ILE B 123 4.00 -0.65 25.56
C ILE B 123 4.88 0.10 24.57
N TYR B 124 6.07 0.50 25.04
CA TYR B 124 7.01 1.26 24.23
C TYR B 124 8.27 0.44 24.00
N LYS B 125 8.67 0.33 22.74
CA LYS B 125 9.92 -0.32 22.36
C LYS B 125 10.76 0.68 21.58
N VAL B 126 11.94 1.01 22.12
CA VAL B 126 12.77 2.09 21.60
C VAL B 126 14.09 1.51 21.11
N LYS B 127 14.61 2.09 20.03
CA LYS B 127 15.94 1.75 19.51
C LYS B 127 16.65 3.05 19.18
N LEU B 128 17.81 3.27 19.79
CA LEU B 128 18.52 4.53 19.68
C LEU B 128 19.94 4.30 19.18
N ARG B 129 20.48 5.30 18.49
CA ARG B 129 21.84 5.24 17.96
C ARG B 129 22.43 6.64 18.02
N GLY B 130 23.48 6.80 18.82
CA GLY B 130 24.17 8.08 18.96
C GLY B 130 25.59 7.96 18.42
N THR B 131 25.95 8.91 17.56
CA THR B 131 27.25 8.87 16.88
C THR B 131 27.85 10.28 16.82
N ASN B 132 29.17 10.31 16.64
CA ASN B 132 29.91 11.53 16.36
C ASN B 132 29.74 12.58 17.45
N PHE B 133 29.78 12.14 18.70
CA PHE B 133 29.84 13.10 19.80
C PHE B 133 31.30 13.34 20.17
N PRO B 134 31.75 14.60 20.21
CA PRO B 134 33.15 14.87 20.55
C PRO B 134 33.50 14.33 21.93
N SER B 135 34.70 13.76 22.05
CA SER B 135 35.12 13.16 23.30
C SER B 135 35.16 14.17 24.43
N ASP B 136 35.51 15.42 24.13
CA ASP B 136 35.52 16.49 25.12
C ASP B 136 34.22 17.29 25.12
N GLY B 137 33.20 16.84 24.40
CA GLY B 137 31.95 17.54 24.33
C GLY B 137 31.15 17.40 25.61
N PRO B 138 30.09 18.21 25.75
CA PRO B 138 29.29 18.16 26.99
C PRO B 138 28.54 16.86 27.18
N VAL B 139 28.31 16.08 26.13
CA VAL B 139 27.55 14.84 26.27
C VAL B 139 28.44 13.72 26.81
N MET B 140 29.61 13.53 26.18
CA MET B 140 30.52 12.48 26.65
C MET B 140 31.12 12.82 28.01
N GLN B 141 31.23 14.10 28.33
CA GLN B 141 31.80 14.54 29.60
C GLN B 141 30.76 14.79 30.68
N LYS B 142 29.47 14.62 30.36
CA LYS B 142 28.37 14.79 31.31
C LYS B 142 28.37 16.19 31.92
N LYS B 143 28.34 17.18 31.04
CA LYS B 143 28.34 18.59 31.44
C LYS B 143 27.00 19.26 31.16
N THR B 144 25.92 18.48 31.14
CA THR B 144 24.57 18.99 30.92
C THR B 144 23.74 18.83 32.18
N MET B 145 22.70 19.65 32.30
CA MET B 145 21.83 19.61 33.46
C MET B 145 20.39 19.95 33.07
N GLY B 146 19.82 19.18 32.15
CA GLY B 146 18.41 19.25 31.88
C GLY B 146 18.09 20.07 30.64
N TRP B 147 16.90 19.81 30.10
CA TRP B 147 16.38 20.51 28.92
C TRP B 147 15.58 21.74 29.34
N GLU B 148 15.63 22.76 28.48
CA GLU B 148 14.72 23.88 28.64
C GLU B 148 13.36 23.56 28.01
N ALA B 149 12.36 24.37 28.35
CA ALA B 149 11.03 24.17 27.80
C ALA B 149 11.05 24.35 26.29
N SER B 150 10.45 23.39 25.57
CA SER B 150 10.49 23.36 24.11
C SER B 150 9.11 23.60 23.53
N SER B 151 9.09 24.01 22.26
CA SER B 151 7.87 24.20 21.49
C SER B 151 8.03 23.44 20.18
N GLU B 152 7.29 22.35 20.03
CA GLU B 152 7.36 21.49 18.86
C GLU B 152 6.28 21.90 17.86
N ARG B 153 6.70 22.22 16.64
CA ARG B 153 5.77 22.63 15.59
C ARG B 153 5.27 21.38 14.86
N MET B 154 4.02 21.01 15.13
CA MET B 154 3.42 19.84 14.52
C MET B 154 2.68 20.24 13.24
N TYR B 155 2.85 19.41 12.19
CA TYR B 155 2.21 19.69 10.91
C TYR B 155 2.03 18.39 10.14
N PRO B 156 0.91 18.20 9.46
CA PRO B 156 0.74 16.98 8.66
C PRO B 156 1.52 17.06 7.35
N GLU B 157 2.07 15.91 6.95
CA GLU B 157 2.86 15.85 5.72
C GLU B 157 2.94 14.39 5.27
N ASP B 158 2.67 14.16 3.98
CA ASP B 158 2.76 12.84 3.37
C ASP B 158 1.90 11.80 4.08
N GLY B 159 0.73 12.23 4.58
CA GLY B 159 -0.15 11.34 5.29
C GLY B 159 0.29 10.98 6.69
N ALA B 160 1.30 11.67 7.23
CA ALA B 160 1.80 11.43 8.57
C ALA B 160 1.84 12.74 9.34
N LEU B 161 2.12 12.63 10.64
CA LEU B 161 2.23 13.79 11.52
C LEU B 161 3.71 14.02 11.82
N LYS B 162 4.18 15.22 11.51
CA LYS B 162 5.60 15.56 11.67
C LYS B 162 5.77 16.71 12.64
N GLY B 163 6.91 16.74 13.31
CA GLY B 163 7.24 17.78 14.25
C GLY B 163 8.68 18.20 14.22
N GLU B 164 8.94 19.49 14.39
CA GLU B 164 10.30 20.04 14.38
C GLU B 164 10.52 20.86 15.64
N ILE B 165 11.62 20.60 16.34
CA ILE B 165 11.93 21.25 17.60
C ILE B 165 13.30 21.90 17.50
N LYS B 166 13.43 23.11 18.05
CA LYS B 166 14.72 23.75 18.26
C LYS B 166 15.05 23.58 19.74
N GLN B 167 15.58 22.40 20.07
CA GLN B 167 15.78 22.02 21.46
C GLN B 167 17.10 22.58 21.99
N ARG B 168 17.11 22.91 23.28
CA ARG B 168 18.25 23.51 23.93
C ARG B 168 18.55 22.80 25.24
N LEU B 169 19.81 22.44 25.44
CA LEU B 169 20.25 21.81 26.68
C LEU B 169 21.02 22.80 27.54
N LYS B 170 20.76 22.76 28.85
CA LYS B 170 21.48 23.59 29.79
C LYS B 170 22.82 22.95 30.15
N LEU B 171 23.84 23.79 30.31
CA LEU B 171 25.17 23.33 30.67
C LEU B 171 25.47 23.70 32.12
N LYS B 172 26.26 22.84 32.79
CA LYS B 172 26.58 23.07 34.18
C LYS B 172 27.38 24.34 34.38
N ASP B 173 28.15 24.75 33.38
CA ASP B 173 28.96 25.96 33.47
C ASP B 173 28.18 27.23 33.18
N GLY B 174 26.87 27.13 32.93
CA GLY B 174 26.03 28.28 32.66
C GLY B 174 25.66 28.48 31.21
N GLY B 175 26.32 27.79 30.29
CA GLY B 175 26.03 27.92 28.87
C GLY B 175 24.85 27.08 28.45
N HIS B 176 24.71 26.93 27.14
CA HIS B 176 23.66 26.12 26.55
C HIS B 176 24.20 25.35 25.35
N TYR B 177 23.45 24.34 24.92
CA TYR B 177 23.93 23.40 23.92
C TYR B 177 22.73 22.95 23.10
N ASP B 178 22.72 23.32 21.81
CA ASP B 178 21.52 23.24 20.98
C ASP B 178 21.51 21.98 20.13
N ALA B 179 20.32 21.70 19.58
CA ALA B 179 20.11 20.55 18.71
C ALA B 179 18.83 20.77 17.92
N GLU B 180 18.86 20.39 16.63
CA GLU B 180 17.70 20.47 15.77
C GLU B 180 17.06 19.08 15.68
N VAL B 181 15.81 18.98 16.11
CA VAL B 181 15.10 17.71 16.23
C VAL B 181 13.97 17.67 15.22
N LYS B 182 13.87 16.57 14.47
CA LYS B 182 12.78 16.33 13.54
C LYS B 182 12.21 14.95 13.80
N THR B 183 10.89 14.85 13.87
CA THR B 183 10.21 13.61 14.21
C THR B 183 9.02 13.41 13.29
N THR B 184 8.81 12.16 12.88
CA THR B 184 7.68 11.78 12.02
C THR B 184 6.84 10.75 12.76
N TYR B 185 5.57 11.08 12.99
CA TYR B 185 4.63 10.20 13.67
C TYR B 185 3.67 9.61 12.65
N LYS B 186 3.57 8.28 12.60
CA LYS B 186 2.71 7.58 11.67
C LYS B 186 1.87 6.57 12.43
N ALA B 187 0.57 6.74 12.41
CA ALA B 187 -0.34 5.82 13.09
C ALA B 187 -0.58 4.59 12.24
N LYS B 188 -0.65 3.43 12.90
CA LYS B 188 -0.97 2.20 12.18
C LYS B 188 -2.38 2.25 11.60
N LYS B 189 -3.34 2.73 12.38
CA LYS B 189 -4.69 2.96 11.86
C LYS B 189 -4.71 4.24 11.03
N PRO B 190 -5.48 4.27 9.94
CA PRO B 190 -5.67 5.53 9.22
C PRO B 190 -6.63 6.44 9.95
N VAL B 191 -6.12 7.23 10.90
CA VAL B 191 -6.95 8.09 11.71
C VAL B 191 -6.80 9.54 11.24
N GLN B 192 -7.69 10.40 11.74
CA GLN B 192 -7.74 11.79 11.28
C GLN B 192 -6.50 12.55 11.70
N LEU B 193 -5.84 13.19 10.72
CA LEU B 193 -4.70 14.04 10.98
C LEU B 193 -5.16 15.45 11.35
N PRO B 194 -4.51 16.10 12.31
CA PRO B 194 -4.86 17.47 12.67
C PRO B 194 -4.15 18.46 11.74
N GLY B 195 -4.41 19.74 11.98
CA GLY B 195 -3.74 20.80 11.26
C GLY B 195 -2.40 21.14 11.89
N ALA B 196 -1.88 22.30 11.49
CA ALA B 196 -0.63 22.80 12.05
C ALA B 196 -0.88 23.42 13.41
N TYR B 197 -0.13 22.97 14.41
CA TYR B 197 -0.29 23.48 15.77
C TYR B 197 1.00 23.23 16.53
N ASN B 198 1.09 23.83 17.72
CA ASN B 198 2.28 23.76 18.56
C ASN B 198 2.01 22.89 19.77
N VAL B 199 3.09 22.30 20.30
CA VAL B 199 3.04 21.49 21.52
C VAL B 199 4.12 21.99 22.45
N ASN B 200 3.72 22.50 23.61
CA ASN B 200 4.65 23.00 24.61
C ASN B 200 5.00 21.88 25.58
N ILE B 201 6.30 21.61 25.72
CA ILE B 201 6.79 20.48 26.51
C ILE B 201 7.85 20.98 27.49
N LYS B 202 7.77 20.50 28.73
CA LYS B 202 8.82 20.71 29.72
C LYS B 202 9.11 19.38 30.40
N LEU B 203 10.33 18.88 30.23
CA LEU B 203 10.74 17.59 30.78
C LEU B 203 11.74 17.83 31.91
N ASP B 204 11.54 17.15 33.03
CA ASP B 204 12.34 17.34 34.22
C ASP B 204 12.87 16.02 34.74
N ILE B 205 14.12 16.01 35.17
CA ILE B 205 14.71 14.88 35.88
C ILE B 205 14.46 15.10 37.36
N THR B 206 13.49 14.38 37.92
CA THR B 206 13.08 14.63 39.30
C THR B 206 14.01 13.98 40.32
N SER B 207 14.65 12.87 39.97
CA SER B 207 15.55 12.20 40.89
C SER B 207 16.46 11.26 40.10
N HIS B 208 17.59 10.93 40.71
CA HIS B 208 18.55 10.00 40.11
C HIS B 208 19.53 9.56 41.20
N ASN B 209 20.09 8.38 41.01
CA ASN B 209 21.14 7.91 41.91
C ASN B 209 22.48 8.53 41.52
N GLU B 210 23.58 7.96 42.02
CA GLU B 210 24.89 8.60 41.83
C GLU B 210 25.33 8.53 40.37
N ASP B 211 25.26 7.35 39.76
CA ASP B 211 25.77 7.13 38.41
C ASP B 211 24.68 7.09 37.34
N TYR B 212 23.49 7.62 37.65
CA TYR B 212 22.38 7.72 36.69
C TYR B 212 22.02 6.35 36.12
N THR B 213 22.02 5.33 36.96
CA THR B 213 21.50 4.02 36.57
C THR B 213 20.04 3.84 36.99
N ILE B 214 19.51 4.72 37.83
CA ILE B 214 18.09 4.75 38.18
C ILE B 214 17.66 6.21 38.16
N VAL B 215 16.83 6.58 37.19
CA VAL B 215 16.44 7.96 36.96
C VAL B 215 14.92 8.04 36.88
N GLU B 216 14.36 9.08 37.50
CA GLU B 216 12.93 9.37 37.43
C GLU B 216 12.72 10.67 36.69
N GLN B 217 11.66 10.72 35.88
CA GLN B 217 11.41 11.86 35.00
C GLN B 217 9.97 12.32 35.12
N TYR B 218 9.74 13.58 34.75
CA TYR B 218 8.40 14.16 34.72
C TYR B 218 8.29 15.07 33.50
N GLU B 219 7.13 14.99 32.83
CA GLU B 219 6.91 15.76 31.61
C GLU B 219 5.50 16.31 31.60
N ARG B 220 5.38 17.58 31.19
CA ARG B 220 4.09 18.23 30.98
C ARG B 220 4.02 18.70 29.53
N ALA B 221 3.00 18.24 28.81
CA ALA B 221 2.81 18.58 27.42
C ALA B 221 1.38 19.06 27.19
N GLU B 222 1.24 20.10 26.37
CA GLU B 222 -0.07 20.65 26.06
C GLU B 222 -0.05 21.22 24.66
N GLY B 223 -1.12 20.95 23.90
CA GLY B 223 -1.23 21.44 22.53
C GLY B 223 -1.97 22.75 22.44
N ARG B 224 -1.57 23.57 21.48
CA ARG B 224 -2.18 24.87 21.25
C ARG B 224 -2.04 25.24 19.79
N HIS B 225 -3.06 25.89 19.24
CA HIS B 225 -3.08 26.28 17.83
C HIS B 225 -1.86 27.13 17.46
N GLN C 4 -4.56 -7.23 7.81
CA GLN C 4 -3.86 -6.39 6.83
C GLN C 4 -4.57 -5.06 6.63
N VAL C 5 -5.54 -5.05 5.71
CA VAL C 5 -6.27 -3.82 5.40
C VAL C 5 -7.01 -3.34 6.63
N GLN C 6 -6.85 -2.07 6.95
CA GLN C 6 -7.51 -1.44 8.10
C GLN C 6 -8.38 -0.30 7.61
N LEU C 7 -9.56 -0.15 8.22
CA LEU C 7 -10.57 0.78 7.76
C LEU C 7 -11.00 1.70 8.89
N VAL C 8 -11.22 2.97 8.57
CA VAL C 8 -11.73 3.96 9.51
C VAL C 8 -12.73 4.85 8.76
N GLN C 9 -13.99 4.82 9.18
CA GLN C 9 -15.05 5.54 8.50
C GLN C 9 -15.14 6.98 9.00
N SER C 10 -15.65 7.85 8.14
CA SER C 10 -15.85 9.26 8.48
C SER C 10 -17.05 9.76 7.69
N GLY C 11 -17.40 11.03 7.93
CA GLY C 11 -18.48 11.67 7.21
C GLY C 11 -19.87 11.42 7.75
N GLY C 12 -20.01 10.69 8.85
CA GLY C 12 -21.32 10.45 9.42
C GLY C 12 -21.89 11.68 10.09
N GLY C 13 -23.21 11.78 10.08
CA GLY C 13 -23.89 12.91 10.69
C GLY C 13 -25.40 12.81 10.64
N LEU C 14 -26.08 13.96 10.62
CA LEU C 14 -27.53 14.02 10.57
C LEU C 14 -27.97 14.91 9.42
N VAL C 15 -29.12 14.58 8.85
CA VAL C 15 -29.66 15.33 7.72
C VAL C 15 -31.18 15.39 7.80
N ALA C 17 -33.91 15.52 5.37
CA ALA C 17 -34.80 14.96 4.35
C ALA C 17 -34.39 15.43 2.96
N GLY C 18 -34.01 14.48 2.11
CA GLY C 18 -33.58 14.82 0.75
C GLY C 18 -32.32 15.65 0.70
N GLY C 19 -31.34 15.32 1.53
CA GLY C 19 -30.11 16.07 1.63
C GLY C 19 -28.92 15.33 1.07
N SER C 20 -27.74 15.74 1.53
CA SER C 20 -26.47 15.18 1.07
C SER C 20 -25.61 14.80 2.27
N LEU C 21 -24.93 13.67 2.17
CA LEU C 21 -24.06 13.19 3.25
C LEU C 21 -22.97 12.33 2.63
N ARG C 22 -21.79 12.91 2.45
CA ARG C 22 -20.65 12.18 1.89
C ARG C 22 -20.02 11.32 2.99
N LEU C 23 -20.22 10.01 2.89
CA LEU C 23 -19.57 9.08 3.79
C LEU C 23 -18.25 8.61 3.19
N SER C 24 -17.28 8.38 4.06
CA SER C 24 -15.93 8.06 3.62
C SER C 24 -15.39 6.86 4.39
N CYS C 25 -14.26 6.34 3.92
CA CYS C 25 -13.61 5.18 4.55
C CYS C 25 -12.19 5.11 4.01
N ALA C 26 -11.20 5.20 4.90
CA ALA C 26 -9.80 5.18 4.53
C ALA C 26 -9.21 3.79 4.77
N ALA C 27 -8.11 3.50 4.07
CA ALA C 27 -7.49 2.19 4.11
C ALA C 27 -5.97 2.31 4.27
N SER C 28 -5.38 1.30 4.89
CA SER C 28 -3.93 1.23 5.06
C SER C 28 -3.50 -0.23 5.05
N GLY C 29 -2.23 -0.44 4.73
CA GLY C 29 -1.71 -1.79 4.59
C GLY C 29 -1.52 -2.16 3.13
N ARG C 30 -2.40 -3.01 2.61
CA ARG C 30 -2.35 -3.35 1.20
C ARG C 30 -2.61 -2.12 0.34
N THR C 31 -2.06 -2.12 -0.87
CA THR C 31 -2.28 -1.02 -1.79
C THR C 31 -3.75 -0.94 -2.18
N PHE C 32 -4.29 0.29 -2.18
CA PHE C 32 -5.69 0.50 -2.50
C PHE C 32 -6.06 -0.09 -3.85
N SER C 33 -5.13 -0.05 -4.81
CA SER C 33 -5.38 -0.57 -6.15
C SER C 33 -5.73 -2.04 -6.16
N ASP C 34 -5.53 -2.76 -5.06
CA ASP C 34 -5.86 -4.18 -4.98
C ASP C 34 -6.97 -4.47 -3.97
N ILE C 35 -7.68 -3.44 -3.51
CA ILE C 35 -8.70 -3.59 -2.47
C ILE C 35 -10.05 -3.18 -3.03
N ALA C 36 -11.05 -4.03 -2.86
CA ALA C 36 -12.42 -3.74 -3.25
C ALA C 36 -13.22 -3.38 -2.01
N VAL C 37 -13.93 -2.25 -2.08
CA VAL C 37 -14.65 -1.70 -0.93
C VAL C 37 -16.12 -2.04 -1.04
N GLY C 38 -16.79 -2.13 0.11
CA GLY C 38 -18.21 -2.38 0.16
C GLY C 38 -18.88 -1.55 1.24
N TRP C 39 -20.20 -1.49 1.17
CA TRP C 39 -21.00 -0.70 2.10
C TRP C 39 -22.26 -1.46 2.47
N PHE C 40 -22.54 -1.56 3.77
CA PHE C 40 -23.74 -2.19 4.27
C PHE C 40 -24.39 -1.28 5.32
N ARG C 41 -25.65 -1.57 5.64
CA ARG C 41 -26.38 -0.74 6.57
C ARG C 41 -27.45 -1.56 7.30
N GLN C 42 -27.73 -1.15 8.53
CA GLN C 42 -28.74 -1.77 9.37
C GLN C 42 -29.41 -0.65 10.16
N THR C 43 -30.73 -0.63 10.20
CA THR C 43 -31.32 0.52 10.87
C THR C 43 -31.55 0.24 12.37
N PRO C 44 -32.50 -0.64 12.84
CA PRO C 44 -32.38 -1.08 14.23
C PRO C 44 -32.10 -2.58 14.29
N GLY C 45 -31.31 -3.05 13.34
CA GLY C 45 -31.42 -4.41 12.87
C GLY C 45 -32.16 -4.41 11.55
N LYS C 46 -33.16 -5.28 11.41
CA LYS C 46 -33.91 -5.43 10.16
C LYS C 46 -32.96 -5.73 9.00
N GLU C 47 -32.05 -6.68 9.23
CA GLU C 47 -31.18 -7.24 8.21
C GLU C 47 -30.20 -6.24 7.59
N ARG C 48 -28.90 -6.49 7.81
CA ARG C 48 -27.84 -5.74 7.13
C ARG C 48 -27.94 -5.91 5.62
N GLU C 49 -28.43 -4.89 4.92
CA GLU C 49 -28.65 -4.95 3.48
C GLU C 49 -27.49 -4.32 2.73
N PHE C 50 -27.38 -4.69 1.45
CA PHE C 50 -26.30 -4.21 0.61
C PHE C 50 -26.59 -2.79 0.13
N VAL C 51 -25.60 -1.91 0.26
CA VAL C 51 -25.72 -0.54 -0.20
C VAL C 51 -25.04 -0.40 -1.55
N ALA C 52 -23.71 -0.37 -1.56
CA ALA C 52 -22.95 -0.23 -2.79
C ALA C 52 -21.57 -0.86 -2.62
N ALA C 53 -20.86 -0.98 -3.74
CA ALA C 53 -19.52 -1.56 -3.73
C ALA C 53 -18.80 -1.15 -5.00
N ILE C 54 -17.47 -1.10 -4.92
CA ILE C 54 -16.63 -0.78 -6.07
C ILE C 54 -15.56 -1.85 -6.19
N SER C 55 -15.03 -1.98 -7.40
CA SER C 55 -14.00 -2.96 -7.70
C SER C 55 -12.62 -2.36 -7.43
N TRP C 56 -11.56 -3.08 -7.78
CA TRP C 56 -10.21 -2.55 -7.60
C TRP C 56 -9.73 -1.72 -8.79
N SER C 57 -10.49 -1.69 -9.88
CA SER C 57 -10.20 -0.82 -11.01
C SER C 57 -11.20 0.32 -11.16
N GLY C 58 -12.25 0.35 -10.34
CA GLY C 58 -13.27 1.37 -10.44
C GLY C 58 -14.26 1.18 -11.57
N LEU C 59 -14.12 0.12 -12.36
CA LEU C 59 -15.00 -0.10 -13.50
C LEU C 59 -16.29 -0.81 -13.11
N ILE C 60 -16.31 -1.49 -11.97
CA ILE C 60 -17.44 -2.32 -11.55
C ILE C 60 -18.04 -1.68 -10.32
N ILE C 61 -19.23 -1.09 -10.48
CA ILE C 61 -19.91 -0.40 -9.41
C ILE C 61 -21.27 -1.03 -9.14
N ASN C 62 -21.27 -2.20 -8.49
CA ASN C 62 -22.51 -2.87 -8.15
C ASN C 62 -23.24 -2.08 -7.07
N TYR C 63 -24.44 -1.59 -7.38
CA TYR C 63 -25.26 -0.89 -6.43
C TYR C 63 -26.27 -1.86 -5.82
N GLY C 64 -27.17 -1.33 -5.00
CA GLY C 64 -28.14 -2.16 -4.30
C GLY C 64 -29.55 -2.07 -4.87
N ASP C 65 -30.47 -1.52 -4.08
CA ASP C 65 -31.86 -1.46 -4.48
C ASP C 65 -32.40 -0.03 -4.36
N SER C 66 -32.63 0.42 -3.13
CA SER C 66 -33.10 1.79 -2.91
C SER C 66 -32.05 2.83 -3.27
N VAL C 67 -30.77 2.45 -3.30
CA VAL C 67 -29.70 3.38 -3.61
C VAL C 67 -29.62 3.70 -5.09
N GLU C 68 -30.45 3.05 -5.92
CA GLU C 68 -30.41 3.26 -7.36
C GLU C 68 -30.66 4.73 -7.68
N ASP C 69 -29.74 5.32 -8.45
CA ASP C 69 -29.77 6.72 -8.86
C ASP C 69 -29.54 7.67 -7.68
N ARG C 70 -30.13 7.37 -6.52
CA ARG C 70 -30.00 8.26 -5.37
C ARG C 70 -28.56 8.33 -4.88
N PHE C 71 -27.96 7.18 -4.59
CA PHE C 71 -26.60 7.13 -4.07
C PHE C 71 -25.61 6.83 -5.19
N THR C 72 -24.34 7.11 -4.91
CA THR C 72 -23.27 6.83 -5.86
C THR C 72 -21.97 6.63 -5.08
N ILE C 73 -21.13 5.73 -5.57
CA ILE C 73 -19.87 5.39 -4.93
C ILE C 73 -18.73 5.75 -5.87
N SER C 74 -17.60 6.13 -5.28
CA SER C 74 -16.42 6.50 -6.06
C SER C 74 -15.19 6.30 -5.19
N ARG C 75 -14.07 6.01 -5.83
CA ARG C 75 -12.81 5.74 -5.13
C ARG C 75 -11.71 6.64 -5.70
N ASP C 76 -10.69 6.86 -4.87
CA ASP C 76 -9.53 7.66 -5.26
C ASP C 76 -8.28 6.94 -4.76
N ASN C 77 -7.49 6.40 -5.70
CA ASN C 77 -6.27 5.71 -5.33
C ASN C 77 -5.17 6.65 -4.84
N ALA C 78 -5.32 7.95 -5.02
CA ALA C 78 -4.34 8.90 -4.53
C ALA C 78 -4.51 9.14 -3.03
N LYS C 79 -5.75 9.43 -2.59
CA LYS C 79 -6.03 9.60 -1.18
C LYS C 79 -6.32 8.30 -0.46
N SER C 80 -6.43 7.18 -1.19
CA SER C 80 -6.63 5.86 -0.61
C SER C 80 -7.91 5.81 0.23
N ALA C 81 -9.00 6.31 -0.35
CA ALA C 81 -10.27 6.36 0.36
C ALA C 81 -11.42 6.21 -0.62
N VAL C 82 -12.53 5.66 -0.14
CA VAL C 82 -13.75 5.53 -0.91
C VAL C 82 -14.75 6.56 -0.41
N TYR C 83 -15.69 6.93 -1.27
CA TYR C 83 -16.70 7.93 -0.95
C TYR C 83 -18.06 7.45 -1.42
N LEU C 84 -19.06 7.56 -0.55
CA LEU C 84 -20.44 7.18 -0.86
C LEU C 84 -21.32 8.42 -0.75
N GLN C 85 -21.42 9.16 -1.84
CA GLN C 85 -22.32 10.30 -1.91
C GLN C 85 -23.76 9.84 -1.82
N MET C 86 -24.44 10.17 -0.73
CA MET C 86 -25.85 9.85 -0.54
C MET C 86 -26.66 11.11 -0.81
N ASN C 87 -27.44 11.10 -1.89
CA ASN C 87 -28.29 12.21 -2.27
C ASN C 87 -29.76 11.78 -2.22
N SER C 88 -30.64 12.77 -2.06
CA SER C 88 -32.07 12.54 -1.92
C SER C 88 -32.34 11.56 -0.78
N LEU C 89 -31.78 11.87 0.39
CA LEU C 89 -31.86 10.98 1.54
C LEU C 89 -33.30 10.95 2.06
N LYS C 90 -33.92 9.75 2.00
CA LYS C 90 -35.27 9.56 2.52
C LYS C 90 -35.23 9.17 3.99
N PRO C 91 -36.28 9.48 4.74
CA PRO C 91 -36.32 9.11 6.17
C PRO C 91 -36.08 7.64 6.42
N GLU C 92 -36.44 6.76 5.49
CA GLU C 92 -36.25 5.32 5.68
C GLU C 92 -34.79 4.90 5.58
N ASP C 93 -33.90 5.79 5.13
CA ASP C 93 -32.48 5.50 5.05
C ASP C 93 -31.75 5.81 6.36
N THR C 94 -32.48 6.13 7.42
CA THR C 94 -31.87 6.37 8.73
C THR C 94 -31.35 5.05 9.28
N ALA C 95 -30.02 4.90 9.29
CA ALA C 95 -29.40 3.65 9.71
C ALA C 95 -27.94 3.92 10.03
N VAL C 96 -27.27 2.89 10.56
CA VAL C 96 -25.83 2.91 10.74
C VAL C 96 -25.19 2.19 9.57
N TYR C 97 -24.29 2.88 8.87
CA TYR C 97 -23.66 2.35 7.68
C TYR C 97 -22.27 1.82 8.00
N TYR C 98 -21.89 0.73 7.35
CA TYR C 98 -20.61 0.09 7.56
C TYR C 98 -19.83 0.05 6.26
N CYS C 99 -18.50 0.11 6.36
CA CYS C 99 -17.62 0.02 5.21
C CYS C 99 -16.78 -1.24 5.36
N ALA C 100 -16.87 -2.13 4.37
CA ALA C 100 -16.13 -3.38 4.34
C ALA C 100 -15.16 -3.37 3.17
N ALA C 101 -14.22 -4.30 3.18
CA ALA C 101 -13.18 -4.34 2.17
C ALA C 101 -12.86 -5.78 1.80
N ARG C 102 -12.76 -6.05 0.50
CA ARG C 102 -12.32 -7.33 -0.04
C ARG C 102 -11.02 -7.11 -0.81
N ILE C 103 -10.42 -8.22 -1.25
CA ILE C 103 -9.17 -8.18 -2.00
C ILE C 103 -9.22 -9.26 -3.09
N GLY C 104 -9.40 -8.83 -4.33
CA GLY C 104 -9.57 -9.74 -5.44
C GLY C 104 -10.94 -9.62 -6.08
N MET C 105 -11.60 -8.49 -5.80
CA MET C 105 -12.96 -8.20 -6.24
C MET C 105 -13.97 -9.19 -5.68
N ASN C 106 -15.25 -8.92 -5.93
CA ASN C 106 -16.33 -9.68 -5.34
C ASN C 106 -17.34 -9.96 -6.44
N TYR C 107 -17.33 -11.19 -6.98
CA TYR C 107 -18.41 -11.58 -7.87
C TYR C 107 -19.74 -11.44 -7.17
N TYR C 108 -19.83 -11.97 -5.95
CA TYR C 108 -20.97 -11.67 -5.08
C TYR C 108 -20.55 -10.69 -3.99
N TYR C 109 -21.19 -9.52 -4.04
CA TYR C 109 -20.94 -8.33 -3.23
C TYR C 109 -21.88 -8.19 -2.03
N ALA C 110 -22.99 -8.92 -1.99
CA ALA C 110 -23.93 -8.86 -0.88
C ALA C 110 -23.65 -9.93 0.17
N ARG C 111 -22.49 -10.59 0.08
CA ARG C 111 -22.07 -11.55 1.10
C ARG C 111 -21.10 -10.87 2.05
N GLU C 112 -21.56 -10.57 3.26
CA GLU C 112 -20.71 -9.87 4.22
C GLU C 112 -19.49 -10.70 4.58
N ILE C 113 -19.68 -12.01 4.78
CA ILE C 113 -18.59 -12.87 5.20
C ILE C 113 -17.49 -12.93 4.15
N GLU C 114 -17.83 -12.71 2.88
CA GLU C 114 -16.80 -12.68 1.84
C GLU C 114 -15.96 -11.42 1.91
N TYR C 115 -16.44 -10.37 2.60
CA TYR C 115 -15.63 -9.21 2.92
C TYR C 115 -14.97 -9.46 4.27
N PRO C 116 -13.68 -9.81 4.30
CA PRO C 116 -13.06 -10.16 5.59
C PRO C 116 -12.82 -8.95 6.48
N TYR C 117 -12.40 -7.84 5.91
CA TYR C 117 -12.05 -6.65 6.70
C TYR C 117 -13.27 -5.75 6.84
N TRP C 118 -13.74 -5.58 8.07
CA TRP C 118 -14.82 -4.66 8.37
C TRP C 118 -14.24 -3.37 8.96
N GLY C 119 -15.14 -2.43 9.27
CA GLY C 119 -14.73 -1.17 9.86
C GLY C 119 -15.46 -0.87 11.16
N GLN C 120 -15.55 0.40 11.51
CA GLN C 120 -16.23 0.81 12.73
C GLN C 120 -17.74 0.94 12.50
N GLY C 121 -18.24 2.17 12.44
CA GLY C 121 -19.65 2.40 12.20
C GLY C 121 -20.02 3.87 12.28
N THR C 122 -20.75 4.35 11.28
CA THR C 122 -21.22 5.73 11.25
C THR C 122 -22.75 5.72 11.15
N GLN C 123 -23.40 6.54 11.96
CA GLN C 123 -24.85 6.58 12.05
C GLN C 123 -25.39 7.75 11.24
N VAL C 124 -26.36 7.46 10.37
CA VAL C 124 -27.04 8.48 9.57
C VAL C 124 -28.46 8.60 10.09
N THR C 125 -28.84 9.81 10.49
CA THR C 125 -30.17 10.10 11.03
C THR C 125 -30.80 11.19 10.17
N VAL C 126 -31.68 10.79 9.26
CA VAL C 126 -32.36 11.73 8.37
C VAL C 126 -33.45 12.47 9.13
N GLN D 4 4.16 -10.66 0.89
CA GLN D 4 3.55 -9.33 0.98
C GLN D 4 4.27 -8.34 0.07
N VAL D 5 5.29 -7.68 0.62
CA VAL D 5 6.02 -6.67 -0.15
C VAL D 5 6.74 -7.33 -1.32
N GLN D 6 6.70 -6.68 -2.47
CA GLN D 6 7.34 -7.18 -3.69
C GLN D 6 8.22 -6.07 -4.27
N LEU D 7 9.48 -6.38 -4.51
CA LEU D 7 10.45 -5.41 -5.02
C LEU D 7 10.93 -5.83 -6.40
N VAL D 8 11.15 -4.82 -7.26
CA VAL D 8 11.68 -5.03 -8.61
C VAL D 8 12.61 -3.87 -8.92
N GLN D 9 13.85 -4.17 -9.28
CA GLN D 9 14.88 -3.16 -9.47
C GLN D 9 15.10 -2.85 -10.94
N SER D 10 15.83 -1.76 -11.17
CA SER D 10 16.21 -1.34 -12.51
C SER D 10 17.33 -0.32 -12.39
N GLY D 11 17.96 -0.01 -13.53
CA GLY D 11 18.99 1.00 -13.59
C GLY D 11 20.40 0.46 -13.72
N GLY D 12 20.59 -0.85 -13.63
CA GLY D 12 21.92 -1.41 -13.77
C GLY D 12 22.47 -1.23 -15.17
N GLY D 13 23.80 -1.17 -15.25
CA GLY D 13 24.44 -0.97 -16.54
C GLY D 13 25.94 -1.02 -16.41
N LEU D 14 26.61 -0.38 -17.37
CA LEU D 14 28.07 -0.35 -17.44
C LEU D 14 28.55 1.08 -17.27
N VAL D 15 29.68 1.24 -16.58
CA VAL D 15 30.29 2.55 -16.37
C VAL D 15 31.76 2.39 -15.99
N ALA D 17 34.07 4.66 -16.39
CA ALA D 17 34.74 4.73 -15.09
C ALA D 17 34.69 6.15 -14.52
N GLY D 18 34.34 6.25 -13.25
CA GLY D 18 34.24 7.55 -12.60
C GLY D 18 33.03 8.36 -13.03
N GLY D 19 31.90 7.70 -13.26
CA GLY D 19 30.71 8.38 -13.73
C GLY D 19 29.58 8.40 -12.71
N SER D 20 28.35 8.23 -13.19
CA SER D 20 27.18 8.27 -12.33
C SER D 20 26.25 7.11 -12.69
N LEU D 21 25.38 6.76 -11.74
CA LEU D 21 24.40 5.70 -11.92
C LEU D 21 23.32 5.79 -10.86
N ARG D 22 22.06 5.70 -11.28
CA ARG D 22 20.92 5.80 -10.37
C ARG D 22 20.17 4.48 -10.38
N LEU D 23 20.47 3.62 -9.41
CA LEU D 23 19.77 2.36 -9.26
C LEU D 23 18.40 2.58 -8.64
N SER D 24 17.40 1.86 -9.15
CA SER D 24 16.01 2.04 -8.74
C SER D 24 15.45 0.75 -8.16
N CYS D 25 14.28 0.88 -7.56
CA CYS D 25 13.57 -0.25 -6.95
C CYS D 25 12.09 0.10 -6.92
N ALA D 26 11.27 -0.90 -6.60
CA ALA D 26 9.82 -0.74 -6.59
C ALA D 26 9.25 -1.41 -5.34
N ALA D 27 7.93 -1.29 -5.17
CA ALA D 27 7.26 -1.85 -4.00
C ALA D 27 5.79 -2.07 -4.33
N SER D 28 5.21 -3.10 -3.71
CA SER D 28 3.80 -3.40 -3.83
C SER D 28 3.26 -3.85 -2.48
N GLY D 29 1.97 -4.18 -2.44
CA GLY D 29 1.34 -4.65 -1.23
C GLY D 29 1.31 -3.61 -0.12
N ARG D 30 2.18 -3.76 0.88
CA ARG D 30 2.24 -2.81 1.97
C ARG D 30 2.58 -1.42 1.43
N THR D 31 1.86 -0.41 1.93
CA THR D 31 2.11 0.96 1.51
C THR D 31 3.56 1.34 1.80
N PHE D 32 4.14 2.18 0.94
CA PHE D 32 5.54 2.54 1.09
C PHE D 32 5.81 3.25 2.41
N SER D 33 4.76 3.75 3.07
CA SER D 33 4.94 4.54 4.28
C SER D 33 5.63 3.76 5.39
N ASP D 34 5.32 2.47 5.53
CA ASP D 34 5.87 1.65 6.60
C ASP D 34 6.86 0.61 6.09
N ILE D 35 7.59 0.93 5.03
CA ILE D 35 8.58 0.02 4.44
C ILE D 35 9.95 0.66 4.57
N ALA D 36 10.90 -0.10 5.11
CA ALA D 36 12.29 0.32 5.24
C ALA D 36 13.13 -0.45 4.22
N VAL D 37 13.81 0.29 3.35
CA VAL D 37 14.51 -0.29 2.22
C VAL D 37 16.01 -0.34 2.53
N GLY D 38 16.67 -1.41 2.06
CA GLY D 38 18.10 -1.52 2.16
C GLY D 38 18.70 -1.88 0.80
N TRP D 39 20.03 -1.77 0.73
CA TRP D 39 20.77 -2.07 -0.50
C TRP D 39 22.03 -2.82 -0.14
N PHE D 40 22.21 -4.00 -0.72
CA PHE D 40 23.40 -4.82 -0.53
C PHE D 40 24.07 -5.05 -1.89
N ARG D 41 25.23 -5.69 -1.84
CA ARG D 41 25.97 -5.98 -3.06
C ARG D 41 26.89 -7.17 -2.82
N GLN D 42 27.15 -7.92 -3.90
CA GLN D 42 28.06 -9.06 -3.87
C GLN D 42 28.99 -8.95 -5.07
N THR D 43 30.26 -8.65 -4.83
CA THR D 43 31.23 -8.61 -5.90
C THR D 43 31.50 -10.02 -6.40
N PRO D 44 31.96 -10.15 -7.65
CA PRO D 44 32.17 -11.50 -8.23
C PRO D 44 32.90 -12.48 -7.33
N GLY D 45 34.06 -12.11 -6.79
CA GLY D 45 34.86 -13.04 -6.03
C GLY D 45 34.74 -12.89 -4.52
N LYS D 46 34.58 -11.66 -4.04
CA LYS D 46 34.55 -11.40 -2.62
C LYS D 46 33.18 -11.72 -2.03
N GLU D 47 32.86 -11.13 -0.88
CA GLU D 47 31.67 -11.49 -0.11
C GLU D 47 30.63 -10.39 -0.20
N ARG D 48 29.46 -10.68 0.37
CA ARG D 48 28.33 -9.75 0.31
C ARG D 48 28.59 -8.57 1.24
N GLU D 49 28.67 -7.37 0.67
CA GLU D 49 28.85 -6.15 1.44
C GLU D 49 27.50 -5.44 1.62
N PHE D 50 27.53 -4.39 2.43
CA PHE D 50 26.35 -3.57 2.70
C PHE D 50 26.57 -2.18 2.11
N VAL D 51 25.62 -1.73 1.29
CA VAL D 51 25.72 -0.43 0.65
C VAL D 51 25.08 0.63 1.53
N ALA D 52 23.78 0.84 1.38
CA ALA D 52 23.06 1.86 2.13
C ALA D 52 21.69 1.33 2.52
N ALA D 53 20.95 2.14 3.27
CA ALA D 53 19.61 1.79 3.70
C ALA D 53 18.88 3.06 4.11
N ILE D 54 17.55 3.00 4.05
CA ILE D 54 16.70 4.12 4.44
C ILE D 54 15.58 3.60 5.35
N SER D 55 15.06 4.50 6.18
CA SER D 55 13.99 4.16 7.10
C SER D 55 12.64 4.39 6.42
N TRP D 56 11.55 4.20 7.18
CA TRP D 56 10.23 4.40 6.62
C TRP D 56 9.78 5.85 6.68
N SER D 57 10.59 6.75 7.24
CA SER D 57 10.32 8.17 7.20
C SER D 57 11.39 8.95 6.45
N GLY D 58 12.47 8.31 6.02
CA GLY D 58 13.55 8.97 5.32
C GLY D 58 14.51 9.72 6.19
N LEU D 59 14.22 9.86 7.49
CA LEU D 59 15.11 10.61 8.38
C LEU D 59 16.38 9.84 8.71
N ILE D 60 16.39 8.53 8.53
CA ILE D 60 17.49 7.67 8.93
C ILE D 60 18.13 7.09 7.68
N ILE D 61 19.34 7.55 7.37
CA ILE D 61 20.05 7.13 6.17
C ILE D 61 21.42 6.56 6.52
N ASN D 62 21.42 5.39 7.16
CA ASN D 62 22.67 4.73 7.51
C ASN D 62 23.40 4.28 6.26
N TYR D 63 24.60 4.82 6.04
CA TYR D 63 25.48 4.35 4.98
C TYR D 63 26.48 3.34 5.56
N GLY D 64 27.27 2.76 4.67
CA GLY D 64 28.23 1.75 5.09
C GLY D 64 29.65 2.27 5.21
N ASP D 65 30.60 1.57 4.57
CA ASP D 65 32.01 1.91 4.72
C ASP D 65 32.51 2.72 3.52
N SER D 66 33.09 2.03 2.54
CA SER D 66 33.60 2.72 1.35
C SER D 66 32.50 3.40 0.56
N VAL D 67 31.26 2.93 0.70
CA VAL D 67 30.12 3.53 0.00
C VAL D 67 29.90 4.96 0.45
N GLU D 68 30.30 5.30 1.69
CA GLU D 68 30.05 6.62 2.23
C GLU D 68 30.69 7.71 1.38
N ASP D 69 30.11 8.91 1.47
CA ASP D 69 30.57 10.12 0.79
C ASP D 69 30.33 10.07 -0.71
N ARG D 70 30.43 8.89 -1.32
CA ARG D 70 30.28 8.77 -2.77
C ARG D 70 28.88 8.39 -3.20
N PHE D 71 28.23 7.45 -2.52
CA PHE D 71 26.87 7.03 -2.87
C PHE D 71 25.87 7.62 -1.91
N THR D 72 24.68 7.92 -2.42
CA THR D 72 23.59 8.48 -1.63
C THR D 72 22.32 7.67 -1.85
N ILE D 73 21.29 7.97 -1.07
CA ILE D 73 20.02 7.28 -1.14
C ILE D 73 18.88 8.30 -0.99
N SER D 74 17.72 7.94 -1.54
CA SER D 74 16.54 8.80 -1.49
C SER D 74 15.32 7.95 -1.80
N ARG D 75 14.16 8.38 -1.28
CA ARG D 75 12.92 7.66 -1.45
C ARG D 75 11.81 8.61 -1.87
N ASP D 76 10.71 8.03 -2.33
CA ASP D 76 9.53 8.79 -2.74
C ASP D 76 8.30 7.97 -2.40
N ASN D 77 7.49 8.45 -1.45
CA ASN D 77 6.32 7.72 -1.00
C ASN D 77 5.14 7.83 -1.95
N ALA D 78 5.16 8.80 -2.88
CA ALA D 78 4.09 8.94 -3.85
C ALA D 78 4.29 8.06 -5.07
N LYS D 79 5.54 7.73 -5.41
CA LYS D 79 5.85 6.86 -6.53
C LYS D 79 6.14 5.42 -6.12
N SER D 80 6.22 5.15 -4.81
CA SER D 80 6.49 3.81 -4.28
C SER D 80 7.80 3.25 -4.85
N ALA D 81 8.85 4.04 -4.75
CA ALA D 81 10.15 3.67 -5.31
C ALA D 81 11.25 4.29 -4.48
N VAL D 82 12.40 3.61 -4.45
CA VAL D 82 13.60 4.10 -3.79
C VAL D 82 14.70 4.21 -4.83
N TYR D 83 15.66 5.10 -4.58
CA TYR D 83 16.72 5.40 -5.53
C TYR D 83 18.07 5.39 -4.82
N LEU D 84 19.05 4.74 -5.43
CA LEU D 84 20.42 4.67 -4.92
C LEU D 84 21.32 5.36 -5.93
N GLN D 85 21.46 6.68 -5.80
CA GLN D 85 22.29 7.45 -6.70
C GLN D 85 23.76 7.22 -6.38
N MET D 86 24.53 6.79 -7.37
CA MET D 86 25.94 6.52 -7.22
C MET D 86 26.75 7.53 -8.02
N ASN D 87 27.74 8.14 -7.39
CA ASN D 87 28.61 9.12 -8.02
C ASN D 87 30.06 8.78 -7.77
N SER D 88 30.92 9.13 -8.72
CA SER D 88 32.35 8.85 -8.67
C SER D 88 32.61 7.35 -8.47
N LEU D 89 32.04 6.55 -9.36
CA LEU D 89 32.17 5.11 -9.28
C LEU D 89 33.62 4.69 -9.55
N LYS D 90 34.02 3.62 -8.87
CA LYS D 90 35.39 3.12 -8.94
C LYS D 90 35.42 1.69 -9.47
N PRO D 91 36.55 1.26 -10.04
CA PRO D 91 36.60 -0.09 -10.62
C PRO D 91 36.23 -1.20 -9.66
N GLU D 92 36.64 -1.09 -8.39
CA GLU D 92 36.33 -2.16 -7.43
C GLU D 92 34.84 -2.25 -7.11
N ASP D 93 34.06 -1.23 -7.47
CA ASP D 93 32.61 -1.27 -7.28
C ASP D 93 31.90 -2.13 -8.29
N THR D 94 32.63 -2.82 -9.18
CA THR D 94 32.03 -3.73 -10.15
C THR D 94 31.40 -4.89 -9.39
N ALA D 95 30.08 -4.82 -9.20
CA ALA D 95 29.36 -5.84 -8.44
C ALA D 95 27.89 -5.78 -8.81
N VAL D 96 27.18 -6.85 -8.46
CA VAL D 96 25.74 -6.89 -8.63
C VAL D 96 25.08 -6.44 -7.32
N TYR D 97 24.21 -5.45 -7.42
CA TYR D 97 23.58 -4.85 -6.25
C TYR D 97 22.16 -5.37 -6.09
N TYR D 98 21.73 -5.51 -4.84
CA TYR D 98 20.43 -6.09 -4.52
C TYR D 98 19.60 -5.11 -3.71
N CYS D 99 18.28 -5.19 -3.90
CA CYS D 99 17.32 -4.47 -3.10
C CYS D 99 16.91 -5.32 -1.89
N ALA D 100 16.38 -4.65 -0.87
CA ALA D 100 15.93 -5.33 0.34
C ALA D 100 14.88 -4.46 1.02
N ALA D 101 13.97 -5.11 1.73
CA ALA D 101 12.87 -4.41 2.37
C ALA D 101 12.60 -5.01 3.74
N ARG D 102 12.41 -4.13 4.73
CA ARG D 102 11.97 -4.50 6.05
C ARG D 102 10.70 -3.74 6.40
N ILE D 103 9.94 -4.27 7.34
CA ILE D 103 8.71 -3.65 7.81
C ILE D 103 8.80 -3.55 9.33
N GLY D 104 9.18 -2.38 9.83
CA GLY D 104 9.40 -2.19 11.26
C GLY D 104 10.73 -1.55 11.55
N MET D 105 11.42 -1.14 10.47
CA MET D 105 12.73 -0.47 10.53
C MET D 105 13.82 -1.38 11.08
N ASN D 106 15.07 -1.01 10.80
CA ASN D 106 16.22 -1.87 11.08
C ASN D 106 17.26 -1.09 11.89
N TYR D 107 17.22 -1.27 13.22
CA TYR D 107 18.34 -0.82 14.04
C TYR D 107 19.62 -1.56 13.67
N TYR D 108 19.47 -2.83 13.26
CA TYR D 108 20.58 -3.62 12.74
C TYR D 108 20.49 -3.58 11.21
N TYR D 109 20.97 -2.48 10.63
CA TYR D 109 20.80 -2.24 9.21
C TYR D 109 21.59 -3.21 8.35
N ALA D 110 22.60 -3.88 8.90
CA ALA D 110 23.46 -4.78 8.14
C ALA D 110 23.07 -6.23 8.28
N ARG D 111 21.97 -6.54 8.98
CA ARG D 111 21.51 -7.92 9.13
C ARG D 111 20.58 -8.24 7.97
N GLU D 112 21.09 -9.00 6.99
CA GLU D 112 20.28 -9.38 5.84
C GLU D 112 19.10 -10.23 6.25
N ILE D 113 19.30 -11.14 7.21
CA ILE D 113 18.26 -12.11 7.57
C ILE D 113 17.04 -11.42 8.15
N GLU D 114 17.22 -10.26 8.78
CA GLU D 114 16.06 -9.51 9.25
C GLU D 114 15.34 -8.77 8.14
N TYR D 115 15.90 -8.74 6.93
CA TYR D 115 15.19 -8.27 5.74
C TYR D 115 14.47 -9.45 5.11
N PRO D 116 13.15 -9.60 5.29
CA PRO D 116 12.48 -10.78 4.76
C PRO D 116 12.29 -10.73 3.25
N TYR D 117 12.12 -9.54 2.67
CA TYR D 117 11.86 -9.39 1.25
C TYR D 117 13.13 -8.98 0.51
N TRP D 118 13.37 -9.60 -0.64
CA TRP D 118 14.57 -9.38 -1.42
C TRP D 118 14.20 -9.14 -2.88
N GLY D 119 15.14 -8.54 -3.62
CA GLY D 119 14.98 -8.27 -5.02
C GLY D 119 15.88 -9.14 -5.88
N GLN D 120 15.75 -8.94 -7.20
CA GLN D 120 16.49 -9.73 -8.17
C GLN D 120 17.98 -9.37 -8.17
N GLY D 121 18.33 -8.22 -8.73
CA GLY D 121 19.72 -7.81 -8.83
C GLY D 121 19.99 -6.98 -10.07
N THR D 122 20.87 -5.99 -9.96
CA THR D 122 21.24 -5.12 -11.06
C THR D 122 22.76 -5.13 -11.19
N GLN D 123 23.26 -5.74 -12.26
CA GLN D 123 24.70 -5.85 -12.46
C GLN D 123 25.30 -4.50 -12.79
N VAL D 124 26.36 -4.13 -12.07
CA VAL D 124 27.10 -2.89 -12.30
C VAL D 124 28.52 -3.26 -12.68
N THR D 125 28.97 -2.75 -13.82
CA THR D 125 30.31 -3.03 -14.34
C THR D 125 31.04 -1.71 -14.57
N VAL D 126 32.02 -1.42 -13.73
CA VAL D 126 32.80 -0.20 -13.87
C VAL D 126 34.09 -0.48 -14.62
#